data_2ODX
#
_entry.id   2ODX
#
loop_
_entity.id
_entity.type
_entity.pdbx_description
1 polymer 'Cytochrome c oxidase polypeptide IV'
2 non-polymer 'ZINC ION'
#
_entity_poly.entity_id   1
_entity_poly.type   'polypeptide(L)'
_entity_poly.pdbx_seq_one_letter_code
;MMADVFDTKPLDSSRKGTMKDPIIIESYDDYRYVGCTGSPAGSHTIMWLKPTVNEVARCWECGSVYKLNPVGVPNDDHHH
;
_entity_poly.pdbx_strand_id   A
#
# COMPACT_ATOMS: atom_id res chain seq x y z
N MET A 19 -0.34 -10.49 -2.82
CA MET A 19 0.31 -9.97 -4.03
C MET A 19 -0.46 -9.97 -5.35
N LYS A 20 -1.72 -10.37 -5.31
CA LYS A 20 -2.63 -10.18 -6.42
C LYS A 20 -3.06 -8.72 -6.57
N ASP A 21 -3.73 -8.22 -5.53
CA ASP A 21 -4.69 -7.10 -5.47
C ASP A 21 -5.42 -7.10 -4.09
N PRO A 22 -4.72 -6.69 -3.03
CA PRO A 22 -5.11 -6.78 -1.62
C PRO A 22 -5.86 -5.58 -1.06
N ILE A 23 -5.25 -4.41 -1.28
CA ILE A 23 -5.50 -3.08 -0.78
C ILE A 23 -5.06 -2.15 -1.90
N ILE A 24 -5.78 -1.07 -2.08
CA ILE A 24 -5.54 -0.10 -3.15
C ILE A 24 -5.10 1.21 -2.56
N ILE A 25 -4.02 1.75 -3.12
CA ILE A 25 -3.47 3.05 -2.82
C ILE A 25 -3.59 3.88 -4.10
N GLU A 26 -4.46 4.88 -4.04
CA GLU A 26 -4.80 5.75 -5.17
C GLU A 26 -3.69 6.77 -5.40
N SER A 27 -3.06 6.68 -6.57
CA SER A 27 -1.73 7.26 -6.72
C SER A 27 -1.67 8.52 -7.57
N TYR A 28 -1.92 8.42 -8.89
CA TYR A 28 -1.71 9.48 -9.90
C TYR A 28 -0.22 9.67 -10.30
N ASP A 29 0.69 8.94 -9.63
CA ASP A 29 2.06 8.60 -10.05
C ASP A 29 2.18 7.08 -10.28
N ASP A 30 3.08 6.60 -11.14
CA ASP A 30 3.27 5.15 -11.35
C ASP A 30 3.96 4.43 -10.19
N TYR A 31 4.60 5.12 -9.25
CA TYR A 31 5.66 4.56 -8.39
C TYR A 31 5.51 4.91 -6.89
N ARG A 32 4.40 5.56 -6.52
CA ARG A 32 4.17 6.24 -5.24
C ARG A 32 4.23 5.33 -3.99
N TYR A 33 4.55 5.97 -2.87
CA TYR A 33 4.53 5.38 -1.53
C TYR A 33 3.12 5.24 -0.90
N VAL A 34 3.05 4.56 0.23
CA VAL A 34 1.88 4.41 1.11
C VAL A 34 2.26 4.60 2.57
N GLY A 35 1.35 5.12 3.39
CA GLY A 35 1.38 4.95 4.86
C GLY A 35 0.16 4.23 5.42
N CYS A 36 0.36 3.11 6.10
CA CYS A 36 -0.65 2.43 6.91
C CYS A 36 -0.29 2.42 8.41
N THR A 37 -1.35 2.20 9.20
CA THR A 37 -1.26 1.86 10.62
C THR A 37 -1.78 0.46 10.92
N GLY A 38 -1.98 -0.38 9.90
CA GLY A 38 -2.46 -1.75 10.03
C GLY A 38 -3.79 -2.02 9.33
N SER A 39 -4.62 -0.97 9.29
CA SER A 39 -6.07 -1.01 9.11
C SER A 39 -6.60 0.41 9.37
N PRO A 40 -7.82 0.78 8.92
CA PRO A 40 -8.53 1.94 9.47
C PRO A 40 -8.71 1.86 10.99
N ALA A 41 -8.62 0.66 11.58
CA ALA A 41 -8.64 0.43 13.02
C ALA A 41 -7.23 0.43 13.65
N GLY A 42 -6.36 1.37 13.24
CA GLY A 42 -5.27 1.93 14.06
C GLY A 42 -4.34 0.92 14.76
N SER A 43 -4.07 -0.21 14.12
CA SER A 43 -3.73 -1.44 14.84
C SER A 43 -2.31 -1.47 15.39
N HIS A 44 -1.32 -1.12 14.58
CA HIS A 44 0.08 -1.08 14.97
C HIS A 44 0.59 0.37 15.18
N THR A 45 1.86 0.67 14.87
CA THR A 45 2.36 2.05 14.68
C THR A 45 1.94 2.65 13.34
N ILE A 46 2.65 3.66 12.86
CA ILE A 46 2.67 4.13 11.48
C ILE A 46 3.97 3.72 10.79
N MET A 47 3.89 3.36 9.52
CA MET A 47 5.04 2.98 8.69
C MET A 47 4.80 3.26 7.20
N TRP A 48 5.81 3.04 6.34
CA TRP A 48 5.80 3.56 4.96
C TRP A 48 6.37 2.56 3.95
N LEU A 49 5.66 2.31 2.85
CA LEU A 49 5.99 1.30 1.82
C LEU A 49 5.88 1.95 0.44
N LYS A 50 6.25 1.27 -0.65
CA LYS A 50 5.92 1.75 -2.01
C LYS A 50 5.57 0.64 -3.02
N PRO A 51 4.30 0.40 -3.34
CA PRO A 51 3.96 -0.35 -4.55
C PRO A 51 4.25 0.52 -5.78
N THR A 52 4.07 -0.03 -6.98
CA THR A 52 4.23 0.61 -8.29
C THR A 52 3.08 0.12 -9.15
N VAL A 53 2.69 0.80 -10.21
CA VAL A 53 1.56 0.43 -11.08
C VAL A 53 1.59 -1.05 -11.52
N ASN A 54 2.78 -1.58 -11.80
CA ASN A 54 3.03 -2.97 -12.21
C ASN A 54 3.06 -3.97 -11.04
N GLU A 55 3.05 -3.48 -9.80
CA GLU A 55 3.64 -4.14 -8.65
C GLU A 55 2.80 -4.02 -7.37
N VAL A 56 3.40 -4.50 -6.29
CA VAL A 56 2.87 -4.62 -4.93
C VAL A 56 3.97 -4.27 -3.92
N ALA A 57 3.62 -4.08 -2.65
CA ALA A 57 4.58 -3.97 -1.55
C ALA A 57 3.96 -4.52 -0.25
N ARG A 58 4.77 -5.20 0.58
CA ARG A 58 4.33 -5.73 1.88
C ARG A 58 4.78 -4.81 3.03
N CYS A 59 3.92 -4.69 4.04
CA CYS A 59 4.28 -4.26 5.37
C CYS A 59 5.22 -5.24 6.10
N TRP A 60 5.65 -4.82 7.28
CA TRP A 60 6.38 -5.59 8.27
C TRP A 60 5.72 -5.55 9.67
N GLU A 61 4.77 -4.64 9.91
CA GLU A 61 4.10 -4.46 11.20
C GLU A 61 2.77 -5.25 11.22
N CYS A 62 1.82 -4.92 10.32
CA CYS A 62 0.66 -5.75 9.99
C CYS A 62 0.98 -6.89 9.01
N GLY A 63 2.05 -6.74 8.22
CA GLY A 63 2.40 -7.66 7.14
C GLY A 63 1.37 -7.68 6.00
N SER A 64 0.47 -6.70 5.90
CA SER A 64 -0.44 -6.61 4.76
C SER A 64 0.31 -6.27 3.47
N VAL A 65 -0.04 -6.95 2.39
CA VAL A 65 0.40 -6.48 1.06
C VAL A 65 -0.55 -5.38 0.59
N TYR A 66 -0.03 -4.42 -0.16
CA TYR A 66 -0.67 -3.23 -0.71
C TYR A 66 -0.32 -3.07 -2.19
N LYS A 67 -1.22 -2.47 -2.96
CA LYS A 67 -1.05 -2.27 -4.40
C LYS A 67 -1.25 -0.82 -4.85
N LEU A 68 -0.55 -0.46 -5.91
CA LEU A 68 -0.77 0.78 -6.64
C LEU A 68 -1.75 0.54 -7.79
N ASN A 69 -2.42 1.60 -8.20
CA ASN A 69 -3.28 1.59 -9.39
C ASN A 69 -2.74 2.46 -10.55
N PRO A 70 -3.08 2.11 -11.83
CA PRO A 70 -2.67 2.83 -13.05
C PRO A 70 -3.28 4.23 -13.21
N VAL A 71 -4.19 4.59 -12.31
CA VAL A 71 -4.96 5.82 -12.24
C VAL A 71 -4.15 7.06 -12.67
N GLY A 72 -4.77 7.88 -13.52
CA GLY A 72 -4.30 9.16 -14.01
C GLY A 72 -5.41 10.17 -13.76
N MET A 19 -0.72 -10.63 -3.37
CA MET A 19 -0.07 -9.92 -4.47
C MET A 19 -0.87 -9.72 -5.76
N LYS A 20 -2.06 -10.29 -5.85
CA LYS A 20 -2.99 -10.00 -6.93
C LYS A 20 -3.42 -8.53 -6.95
N ASP A 21 -3.97 -8.08 -5.83
CA ASP A 21 -4.91 -6.97 -5.62
C ASP A 21 -5.57 -7.10 -4.21
N PRO A 22 -4.81 -6.78 -3.16
CA PRO A 22 -5.15 -6.94 -1.74
C PRO A 22 -5.86 -5.70 -1.17
N ILE A 23 -5.28 -4.55 -1.48
CA ILE A 23 -5.51 -3.21 -0.95
C ILE A 23 -5.07 -2.26 -2.06
N ILE A 24 -5.80 -1.17 -2.21
CA ILE A 24 -5.61 -0.18 -3.26
C ILE A 24 -5.22 1.17 -2.71
N ILE A 25 -4.21 1.76 -3.35
CA ILE A 25 -3.61 3.05 -3.03
C ILE A 25 -3.60 3.90 -4.30
N GLU A 26 -4.29 5.04 -4.24
CA GLU A 26 -4.50 5.98 -5.36
C GLU A 26 -3.22 6.77 -5.67
N SER A 27 -2.86 6.86 -6.95
CA SER A 27 -1.61 7.50 -7.38
C SER A 27 -1.60 7.85 -8.86
N TYR A 28 -1.62 9.13 -9.19
CA TYR A 28 -1.51 9.66 -10.56
C TYR A 28 -0.04 9.73 -11.05
N ASP A 29 0.84 9.02 -10.33
CA ASP A 29 2.30 9.18 -10.25
C ASP A 29 3.07 7.84 -10.32
N ASP A 30 2.39 6.74 -10.66
CA ASP A 30 2.89 5.35 -10.93
C ASP A 30 3.65 4.61 -9.79
N TYR A 31 4.14 5.28 -8.75
CA TYR A 31 5.08 4.72 -7.76
C TYR A 31 4.97 5.34 -6.35
N ARG A 32 3.89 6.06 -6.08
CA ARG A 32 3.61 6.72 -4.79
C ARG A 32 3.65 5.73 -3.60
N TYR A 33 4.17 6.20 -2.47
CA TYR A 33 4.21 5.42 -1.23
C TYR A 33 2.85 5.36 -0.51
N VAL A 34 2.65 4.34 0.31
CA VAL A 34 1.47 4.17 1.20
C VAL A 34 1.84 4.46 2.65
N GLY A 35 0.90 5.04 3.41
CA GLY A 35 0.93 5.11 4.87
C GLY A 35 -0.19 4.29 5.52
N CYS A 36 0.12 3.06 5.96
CA CYS A 36 -0.76 2.17 6.70
C CYS A 36 -0.48 2.17 8.23
N THR A 37 -1.54 1.83 8.97
CA THR A 37 -1.52 1.58 10.43
C THR A 37 -2.06 0.20 10.85
N GLY A 38 -2.22 -0.75 9.92
CA GLY A 38 -2.69 -2.12 10.22
C GLY A 38 -4.15 -2.40 9.83
N SER A 39 -4.94 -1.34 9.64
CA SER A 39 -6.40 -1.32 9.78
C SER A 39 -6.92 0.12 9.59
N PRO A 40 -8.19 0.33 9.15
CA PRO A 40 -8.81 1.66 9.14
C PRO A 40 -8.89 2.33 10.52
N ALA A 41 -8.79 1.56 11.61
CA ALA A 41 -8.75 2.08 12.97
C ALA A 41 -7.36 2.38 13.51
N GLY A 42 -6.35 1.98 12.75
CA GLY A 42 -5.10 1.55 13.34
C GLY A 42 -5.21 0.17 13.99
N SER A 43 -4.05 -0.39 14.27
CA SER A 43 -3.82 -1.67 14.93
C SER A 43 -2.36 -1.80 15.35
N HIS A 44 -1.42 -1.42 14.49
CA HIS A 44 -0.04 -1.20 14.91
C HIS A 44 0.28 0.31 14.91
N THR A 45 1.56 0.70 14.82
CA THR A 45 1.98 2.11 14.57
C THR A 45 1.65 2.57 13.15
N ILE A 46 2.31 3.60 12.65
CA ILE A 46 2.36 4.03 11.25
C ILE A 46 3.71 3.65 10.62
N MET A 47 3.69 3.24 9.36
CA MET A 47 4.90 3.03 8.56
C MET A 47 4.66 3.41 7.08
N TRP A 48 5.72 3.39 6.25
CA TRP A 48 5.65 3.76 4.84
C TRP A 48 6.16 2.64 3.92
N LEU A 49 5.43 2.32 2.83
CA LEU A 49 5.82 1.29 1.84
C LEU A 49 5.72 1.87 0.44
N LYS A 50 6.38 1.28 -0.55
CA LYS A 50 6.36 1.81 -1.92
C LYS A 50 5.92 0.76 -2.96
N PRO A 51 4.60 0.59 -3.21
CA PRO A 51 4.11 -0.16 -4.37
C PRO A 51 4.41 0.64 -5.66
N THR A 52 4.08 0.05 -6.82
CA THR A 52 4.20 0.65 -8.15
C THR A 52 3.00 0.19 -8.98
N VAL A 53 2.65 0.90 -10.03
CA VAL A 53 1.46 0.62 -10.87
C VAL A 53 1.41 -0.81 -11.44
N ASN A 54 2.58 -1.39 -11.74
CA ASN A 54 2.73 -2.78 -12.19
C ASN A 54 2.95 -3.79 -11.06
N GLU A 55 2.97 -3.32 -9.80
CA GLU A 55 3.60 -4.04 -8.69
C GLU A 55 2.80 -3.96 -7.39
N VAL A 56 3.42 -4.40 -6.30
CA VAL A 56 2.86 -4.57 -4.96
C VAL A 56 3.93 -4.25 -3.90
N ALA A 57 3.53 -4.03 -2.64
CA ALA A 57 4.44 -3.83 -1.50
C ALA A 57 3.84 -4.35 -0.18
N ARG A 58 4.61 -5.09 0.63
CA ARG A 58 4.14 -5.71 1.88
C ARG A 58 4.78 -5.10 3.14
N CYS A 59 3.97 -4.92 4.18
CA CYS A 59 4.34 -4.32 5.45
C CYS A 59 5.26 -5.20 6.32
N TRP A 60 5.98 -4.52 7.22
CA TRP A 60 6.83 -5.14 8.24
C TRP A 60 6.20 -5.13 9.64
N GLU A 61 5.12 -4.36 9.88
CA GLU A 61 4.50 -4.31 11.24
C GLU A 61 3.28 -5.23 11.30
N CYS A 62 2.27 -5.02 10.44
CA CYS A 62 1.14 -5.93 10.28
C CYS A 62 1.55 -7.16 9.44
N GLY A 63 1.85 -6.89 8.16
CA GLY A 63 2.07 -7.91 7.14
C GLY A 63 1.10 -7.86 5.95
N SER A 64 0.19 -6.89 5.84
CA SER A 64 -0.63 -6.75 4.64
C SER A 64 0.21 -6.40 3.42
N VAL A 65 -0.11 -7.04 2.28
CA VAL A 65 0.37 -6.63 0.96
C VAL A 65 -0.57 -5.52 0.47
N TYR A 66 -0.02 -4.57 -0.28
CA TYR A 66 -0.65 -3.36 -0.81
C TYR A 66 -0.35 -3.16 -2.29
N LYS A 67 -1.27 -2.50 -3.02
CA LYS A 67 -1.14 -2.28 -4.45
C LYS A 67 -1.45 -0.85 -4.89
N LEU A 68 -0.75 -0.42 -5.93
CA LEU A 68 -0.98 0.83 -6.64
C LEU A 68 -1.77 0.57 -7.92
N ASN A 69 -2.50 1.59 -8.35
CA ASN A 69 -3.41 1.54 -9.51
C ASN A 69 -2.93 2.31 -10.76
N PRO A 70 -3.43 1.95 -11.97
CA PRO A 70 -3.14 2.58 -13.28
C PRO A 70 -3.66 3.99 -13.48
N VAL A 71 -4.41 4.47 -12.49
CA VAL A 71 -4.95 5.81 -12.39
C VAL A 71 -3.87 6.86 -12.69
N GLY A 72 -4.20 7.96 -13.34
CA GLY A 72 -3.20 8.81 -13.95
C GLY A 72 -3.81 9.90 -14.81
N MET A 19 -0.29 -10.49 -3.03
CA MET A 19 0.00 -10.18 -4.42
C MET A 19 -1.12 -10.59 -5.36
N LYS A 20 -1.47 -9.61 -6.18
CA LYS A 20 -2.72 -9.23 -6.84
C LYS A 20 -3.07 -7.81 -6.44
N ASP A 21 -4.34 -7.51 -6.27
CA ASP A 21 -4.87 -6.18 -6.02
C ASP A 21 -5.78 -6.22 -4.76
N PRO A 22 -5.15 -6.35 -3.56
CA PRO A 22 -5.74 -6.62 -2.23
C PRO A 22 -6.34 -5.38 -1.55
N ILE A 23 -5.52 -4.34 -1.45
CA ILE A 23 -5.77 -3.05 -0.84
C ILE A 23 -5.28 -2.02 -1.85
N ILE A 24 -6.03 -0.94 -1.99
CA ILE A 24 -5.81 0.06 -3.04
C ILE A 24 -5.30 1.37 -2.46
N ILE A 25 -4.27 1.91 -3.12
CA ILE A 25 -3.68 3.21 -2.85
C ILE A 25 -3.74 4.03 -4.13
N GLU A 26 -4.51 5.13 -4.07
CA GLU A 26 -4.73 6.08 -5.18
C GLU A 26 -3.42 6.80 -5.55
N SER A 27 -3.01 6.73 -6.82
CA SER A 27 -1.74 7.27 -7.30
C SER A 27 -1.86 7.78 -8.73
N TYR A 28 -1.55 9.06 -8.98
CA TYR A 28 -1.74 9.68 -10.30
C TYR A 28 -0.42 9.74 -11.12
N ASP A 29 0.66 9.17 -10.56
CA ASP A 29 1.96 8.88 -11.17
C ASP A 29 2.10 7.36 -11.47
N ASP A 30 2.83 6.61 -10.64
CA ASP A 30 3.18 5.17 -10.78
C ASP A 30 3.86 4.68 -9.49
N TYR A 31 4.72 5.47 -8.83
CA TYR A 31 5.66 5.04 -7.79
C TYR A 31 5.20 5.32 -6.34
N ARG A 32 4.06 6.00 -6.20
CA ARG A 32 3.58 6.66 -4.98
C ARG A 32 3.57 5.75 -3.74
N TYR A 33 4.29 6.17 -2.69
CA TYR A 33 4.36 5.45 -1.41
C TYR A 33 3.06 5.49 -0.59
N VAL A 34 2.83 4.47 0.23
CA VAL A 34 1.69 4.34 1.17
C VAL A 34 2.13 4.51 2.61
N GLY A 35 1.27 5.09 3.47
CA GLY A 35 1.35 4.98 4.92
C GLY A 35 0.21 4.15 5.52
N CYS A 36 0.52 2.95 6.00
CA CYS A 36 -0.39 2.09 6.74
C CYS A 36 -0.19 2.20 8.28
N THR A 37 -1.30 2.09 9.02
CA THR A 37 -1.34 1.94 10.49
C THR A 37 -1.92 0.62 10.96
N GLY A 38 -1.98 -0.39 10.09
CA GLY A 38 -2.44 -1.74 10.41
C GLY A 38 -3.76 -2.09 9.76
N SER A 39 -3.94 -1.67 8.51
CA SER A 39 -5.26 -1.57 7.85
C SER A 39 -6.08 -0.40 8.47
N PRO A 40 -7.32 -0.08 8.02
CA PRO A 40 -8.04 1.13 8.47
C PRO A 40 -8.39 1.17 9.97
N ALA A 41 -8.21 0.07 10.71
CA ALA A 41 -8.62 -0.07 12.11
C ALA A 41 -7.50 0.25 13.12
N GLY A 42 -6.60 1.20 12.80
CA GLY A 42 -5.69 1.83 13.77
C GLY A 42 -4.78 0.87 14.55
N SER A 43 -4.39 -0.22 13.91
CA SER A 43 -4.13 -1.47 14.63
C SER A 43 -2.72 -1.57 15.21
N HIS A 44 -1.69 -0.98 14.58
CA HIS A 44 -0.30 -0.98 15.05
C HIS A 44 0.28 0.43 15.22
N THR A 45 1.57 0.64 14.94
CA THR A 45 2.15 1.98 14.75
C THR A 45 1.83 2.53 13.36
N ILE A 46 2.65 3.42 12.82
CA ILE A 46 2.73 3.83 11.42
C ILE A 46 3.99 3.26 10.74
N MET A 47 3.90 3.04 9.44
CA MET A 47 4.99 2.54 8.58
C MET A 47 4.73 2.87 7.10
N TRP A 48 5.77 2.83 6.26
CA TRP A 48 5.71 3.37 4.90
C TRP A 48 6.22 2.38 3.85
N LEU A 49 5.48 2.19 2.73
CA LEU A 49 5.83 1.19 1.70
C LEU A 49 5.77 1.82 0.30
N LYS A 50 6.49 1.27 -0.68
CA LYS A 50 6.45 1.74 -2.09
C LYS A 50 5.85 0.67 -3.01
N PRO A 51 4.55 0.72 -3.35
CA PRO A 51 4.02 -0.03 -4.49
C PRO A 51 4.41 0.70 -5.78
N THR A 52 4.03 0.14 -6.94
CA THR A 52 4.30 0.66 -8.28
C THR A 52 3.07 0.33 -9.12
N VAL A 53 2.75 1.02 -10.21
CA VAL A 53 1.60 0.60 -11.04
C VAL A 53 1.88 -0.81 -11.63
N ASN A 54 3.16 -1.12 -11.82
CA ASN A 54 3.75 -2.40 -12.20
C ASN A 54 3.73 -3.46 -11.09
N GLU A 55 3.51 -3.09 -9.82
CA GLU A 55 3.89 -3.90 -8.66
C GLU A 55 2.93 -3.81 -7.49
N VAL A 56 3.26 -4.58 -6.46
CA VAL A 56 2.64 -4.65 -5.13
C VAL A 56 3.68 -4.30 -4.06
N ALA A 57 3.26 -4.02 -2.83
CA ALA A 57 4.14 -3.79 -1.68
C ALA A 57 3.55 -4.42 -0.41
N ARG A 58 4.35 -5.17 0.36
CA ARG A 58 3.89 -5.85 1.57
C ARG A 58 4.50 -5.27 2.85
N CYS A 59 3.65 -5.13 3.88
CA CYS A 59 3.99 -4.62 5.20
C CYS A 59 4.88 -5.56 6.06
N TRP A 60 5.63 -4.96 6.99
CA TRP A 60 6.37 -5.69 8.03
C TRP A 60 5.64 -5.70 9.39
N GLU A 61 4.57 -4.92 9.55
CA GLU A 61 3.81 -4.77 10.79
C GLU A 61 2.56 -5.71 10.75
N CYS A 62 1.35 -5.21 10.44
CA CYS A 62 0.18 -6.05 10.15
C CYS A 62 0.45 -7.04 9.01
N GLY A 63 1.34 -6.70 8.08
CA GLY A 63 1.75 -7.59 7.01
C GLY A 63 0.70 -7.76 5.92
N SER A 64 -0.22 -6.81 5.74
CA SER A 64 -1.03 -6.81 4.52
C SER A 64 -0.16 -6.51 3.29
N VAL A 65 -0.62 -7.00 2.14
CA VAL A 65 -0.09 -6.61 0.85
C VAL A 65 -1.00 -5.53 0.33
N TYR A 66 -0.39 -4.54 -0.30
CA TYR A 66 -0.97 -3.32 -0.85
C TYR A 66 -0.65 -3.17 -2.34
N LYS A 67 -1.50 -2.47 -3.09
CA LYS A 67 -1.28 -2.23 -4.50
C LYS A 67 -1.64 -0.82 -4.99
N LEU A 68 -1.03 -0.47 -6.10
CA LEU A 68 -1.18 0.84 -6.73
C LEU A 68 -1.94 0.80 -8.04
N ASN A 69 -2.78 1.81 -8.24
CA ASN A 69 -3.68 1.87 -9.39
C ASN A 69 -3.19 2.79 -10.54
N PRO A 70 -3.65 2.54 -11.81
CA PRO A 70 -3.22 3.24 -13.04
C PRO A 70 -3.86 4.62 -13.28
N VAL A 71 -4.78 4.99 -12.39
CA VAL A 71 -5.50 6.27 -12.29
C VAL A 71 -4.58 7.47 -12.56
N GLY A 72 -5.09 8.58 -13.12
CA GLY A 72 -4.27 9.74 -13.38
C GLY A 72 -5.06 10.95 -13.85
N MET A 19 -0.79 -10.30 -2.72
CA MET A 19 -0.20 -9.74 -3.94
C MET A 19 -1.03 -9.64 -5.21
N LYS A 20 -2.09 -10.42 -5.34
CA LYS A 20 -3.00 -10.30 -6.49
C LYS A 20 -3.39 -8.84 -6.81
N ASP A 21 -3.95 -8.21 -5.79
CA ASP A 21 -4.80 -7.02 -5.78
C ASP A 21 -5.56 -6.94 -4.43
N PRO A 22 -4.82 -6.62 -3.36
CA PRO A 22 -5.28 -6.64 -1.97
C PRO A 22 -6.04 -5.37 -1.58
N ILE A 23 -5.39 -4.23 -1.84
CA ILE A 23 -5.68 -2.87 -1.42
C ILE A 23 -5.17 -2.01 -2.56
N ILE A 24 -5.89 -0.93 -2.84
CA ILE A 24 -5.58 0.00 -3.90
C ILE A 24 -5.15 1.33 -3.31
N ILE A 25 -4.02 1.82 -3.81
CA ILE A 25 -3.44 3.12 -3.48
C ILE A 25 -3.48 3.95 -4.75
N GLU A 26 -4.48 4.83 -4.80
CA GLU A 26 -4.80 5.65 -5.97
C GLU A 26 -3.67 6.65 -6.22
N SER A 27 -3.11 6.58 -7.42
CA SER A 27 -1.89 7.31 -7.75
C SER A 27 -1.91 7.79 -9.20
N TYR A 28 -2.03 9.09 -9.44
CA TYR A 28 -1.90 9.68 -10.78
C TYR A 28 -0.43 9.79 -11.25
N ASP A 29 0.36 8.79 -10.85
CA ASP A 29 1.81 8.62 -10.98
C ASP A 29 2.07 7.11 -10.87
N ASP A 30 2.96 6.56 -11.72
CA ASP A 30 3.39 5.16 -11.67
C ASP A 30 4.04 4.74 -10.34
N TYR A 31 4.37 5.72 -9.48
CA TYR A 31 5.17 5.60 -8.27
C TYR A 31 4.58 6.45 -7.12
N ARG A 32 4.35 5.81 -5.97
CA ARG A 32 3.94 6.48 -4.70
C ARG A 32 4.49 5.79 -3.46
N TYR A 33 4.25 6.41 -2.30
CA TYR A 33 4.25 5.73 -1.02
C TYR A 33 2.83 5.40 -0.53
N VAL A 34 2.74 4.57 0.50
CA VAL A 34 1.52 4.30 1.30
C VAL A 34 1.84 4.35 2.78
N GLY A 35 0.91 4.82 3.63
CA GLY A 35 1.02 4.74 5.10
C GLY A 35 -0.22 4.14 5.78
N CYS A 36 -0.11 2.91 6.28
CA CYS A 36 -1.10 2.21 7.10
C CYS A 36 -0.68 2.03 8.58
N THR A 37 -1.69 1.71 9.40
CA THR A 37 -1.56 1.46 10.85
C THR A 37 -2.09 0.11 11.31
N GLY A 38 -2.52 -0.78 10.41
CA GLY A 38 -2.94 -2.16 10.74
C GLY A 38 -4.41 -2.49 10.49
N SER A 39 -5.27 -1.47 10.42
CA SER A 39 -6.73 -1.54 10.20
C SER A 39 -7.31 -0.11 10.09
N PRO A 40 -8.62 0.12 9.84
CA PRO A 40 -9.22 1.46 9.93
C PRO A 40 -9.10 2.09 11.32
N ALA A 41 -8.99 1.28 12.39
CA ALA A 41 -8.70 1.75 13.75
C ALA A 41 -7.21 1.87 14.07
N GLY A 42 -6.37 1.50 13.11
CA GLY A 42 -5.07 0.98 13.42
C GLY A 42 -5.16 -0.44 13.98
N SER A 43 -4.03 -0.88 14.49
CA SER A 43 -3.76 -2.17 15.14
C SER A 43 -2.33 -2.23 15.63
N HIS A 44 -1.40 -1.65 14.87
CA HIS A 44 0.01 -1.54 15.17
C HIS A 44 0.44 -0.06 15.28
N THR A 45 1.71 0.27 15.01
CA THR A 45 2.17 1.66 14.83
C THR A 45 1.75 2.24 13.47
N ILE A 46 2.47 3.23 12.95
CA ILE A 46 2.46 3.70 11.56
C ILE A 46 3.77 3.30 10.87
N MET A 47 3.71 3.01 9.58
CA MET A 47 4.88 2.74 8.72
C MET A 47 4.67 3.35 7.33
N TRP A 48 5.64 3.20 6.41
CA TRP A 48 5.56 3.76 5.05
C TRP A 48 6.12 2.78 4.00
N LEU A 49 5.34 2.40 2.98
CA LEU A 49 5.76 1.47 1.91
C LEU A 49 5.72 2.17 0.55
N LYS A 50 6.22 1.52 -0.51
CA LYS A 50 6.31 2.13 -1.84
C LYS A 50 5.93 1.14 -2.98
N PRO A 51 4.66 1.08 -3.40
CA PRO A 51 4.24 0.30 -4.56
C PRO A 51 4.41 1.12 -5.86
N THR A 52 4.32 0.41 -6.99
CA THR A 52 4.51 0.92 -8.36
C THR A 52 3.46 0.29 -9.26
N VAL A 53 3.09 0.96 -10.34
CA VAL A 53 1.98 0.60 -11.27
C VAL A 53 1.86 -0.89 -11.66
N ASN A 54 2.98 -1.56 -11.97
CA ASN A 54 3.00 -2.96 -12.41
C ASN A 54 3.13 -3.95 -11.24
N GLU A 55 3.13 -3.45 -10.01
CA GLU A 55 3.83 -4.04 -8.88
C GLU A 55 3.05 -3.97 -7.58
N VAL A 56 3.72 -4.47 -6.54
CA VAL A 56 3.19 -4.59 -5.18
C VAL A 56 4.23 -4.24 -4.12
N ALA A 57 3.77 -3.76 -2.96
CA ALA A 57 4.59 -3.61 -1.75
C ALA A 57 3.87 -4.27 -0.56
N ARG A 58 4.63 -4.89 0.35
CA ARG A 58 4.10 -5.49 1.59
C ARG A 58 4.57 -4.72 2.82
N CYS A 59 3.66 -4.57 3.78
CA CYS A 59 3.97 -4.21 5.16
C CYS A 59 4.92 -5.22 5.85
N TRP A 60 5.57 -4.75 6.92
CA TRP A 60 6.35 -5.56 7.85
C TRP A 60 5.65 -5.74 9.21
N GLU A 61 4.56 -5.00 9.44
CA GLU A 61 3.79 -4.97 10.70
C GLU A 61 2.53 -5.87 10.53
N CYS A 62 1.39 -5.27 10.14
CA CYS A 62 0.18 -6.01 9.78
C CYS A 62 0.38 -6.92 8.56
N GLY A 63 1.45 -6.71 7.78
CA GLY A 63 1.84 -7.54 6.64
C GLY A 63 0.75 -7.60 5.57
N SER A 64 -0.09 -6.59 5.46
CA SER A 64 -0.93 -6.42 4.27
C SER A 64 -0.03 -6.09 3.08
N VAL A 65 -0.26 -6.78 1.97
CA VAL A 65 0.22 -6.26 0.68
C VAL A 65 -0.74 -5.15 0.24
N TYR A 66 -0.20 -4.20 -0.51
CA TYR A 66 -0.81 -3.01 -1.10
C TYR A 66 -0.38 -2.85 -2.56
N LYS A 67 -1.27 -2.31 -3.38
CA LYS A 67 -1.02 -2.15 -4.81
C LYS A 67 -1.18 -0.72 -5.29
N LEU A 68 -0.35 -0.35 -6.27
CA LEU A 68 -0.57 0.86 -7.05
C LEU A 68 -1.38 0.49 -8.30
N ASN A 69 -2.09 1.49 -8.80
CA ASN A 69 -2.91 1.39 -10.01
C ASN A 69 -2.43 2.33 -11.16
N PRO A 70 -2.68 1.98 -12.44
CA PRO A 70 -2.25 2.74 -13.63
C PRO A 70 -2.98 4.09 -13.87
N VAL A 71 -3.96 4.36 -13.03
CA VAL A 71 -4.81 5.54 -12.99
C VAL A 71 -4.03 6.86 -13.20
N GLY A 72 -4.67 7.86 -13.79
CA GLY A 72 -4.07 9.13 -14.17
C GLY A 72 -5.14 10.21 -14.29
N MET A 19 0.10 -10.96 -3.68
CA MET A 19 0.52 -10.57 -5.02
C MET A 19 -0.56 -10.88 -6.07
N LYS A 20 -1.32 -9.83 -6.24
CA LYS A 20 -2.38 -9.57 -7.20
C LYS A 20 -2.79 -8.12 -7.03
N ASP A 21 -4.06 -7.93 -6.75
CA ASP A 21 -4.67 -6.66 -6.49
C ASP A 21 -5.54 -6.82 -5.23
N PRO A 22 -4.89 -6.82 -4.04
CA PRO A 22 -5.43 -7.14 -2.72
C PRO A 22 -6.14 -5.96 -2.04
N ILE A 23 -5.37 -5.07 -1.42
CA ILE A 23 -5.77 -3.78 -0.85
C ILE A 23 -5.32 -2.73 -1.85
N ILE A 24 -6.13 -1.70 -1.97
CA ILE A 24 -5.95 -0.65 -2.99
C ILE A 24 -5.53 0.66 -2.37
N ILE A 25 -4.54 1.29 -3.01
CA ILE A 25 -4.02 2.62 -2.71
C ILE A 25 -4.11 3.47 -3.97
N GLU A 26 -4.96 4.49 -3.91
CA GLU A 26 -5.08 5.57 -4.90
C GLU A 26 -3.82 6.44 -4.89
N SER A 27 -3.28 6.73 -6.06
CA SER A 27 -2.04 7.50 -6.22
C SER A 27 -1.95 8.02 -7.65
N TYR A 28 -1.79 9.33 -7.83
CA TYR A 28 -1.63 9.93 -9.17
C TYR A 28 -0.14 9.96 -9.60
N ASP A 29 0.62 8.99 -9.09
CA ASP A 29 2.05 8.82 -9.16
C ASP A 29 2.36 7.31 -9.16
N ASP A 30 2.83 6.80 -10.32
CA ASP A 30 3.01 5.38 -10.67
C ASP A 30 3.84 4.55 -9.68
N TYR A 31 4.60 5.21 -8.80
CA TYR A 31 5.66 4.66 -7.95
C TYR A 31 5.57 5.09 -6.49
N ARG A 32 4.50 5.81 -6.12
CA ARG A 32 4.26 6.38 -4.78
C ARG A 32 4.48 5.39 -3.63
N TYR A 33 4.75 5.92 -2.44
CA TYR A 33 4.62 5.17 -1.19
C TYR A 33 3.19 5.25 -0.61
N VAL A 34 2.83 4.26 0.19
CA VAL A 34 1.62 4.18 1.03
C VAL A 34 1.95 4.36 2.52
N GLY A 35 1.07 5.04 3.25
CA GLY A 35 1.04 5.05 4.71
C GLY A 35 -0.09 4.20 5.31
N CYS A 36 0.17 2.98 5.78
CA CYS A 36 -0.78 2.17 6.52
C CYS A 36 -0.47 2.07 8.03
N THR A 37 -1.54 2.04 8.81
CA THR A 37 -1.51 1.83 10.27
C THR A 37 -2.15 0.52 10.70
N GLY A 38 -2.22 -0.46 9.82
CA GLY A 38 -2.80 -1.80 10.11
C GLY A 38 -4.30 -1.90 9.87
N SER A 39 -4.93 -0.74 9.76
CA SER A 39 -6.36 -0.50 9.61
C SER A 39 -6.59 1.01 9.63
N PRO A 40 -7.74 1.52 9.16
CA PRO A 40 -8.19 2.90 9.41
C PRO A 40 -8.39 3.19 10.91
N ALA A 41 -8.47 2.17 11.76
CA ALA A 41 -8.62 2.31 13.19
C ALA A 41 -7.27 2.28 13.94
N GLY A 42 -6.16 2.28 13.21
CA GLY A 42 -4.79 2.29 13.74
C GLY A 42 -4.50 1.05 14.57
N SER A 43 -4.36 -0.10 13.91
CA SER A 43 -4.11 -1.39 14.56
C SER A 43 -2.66 -1.53 15.02
N HIS A 44 -1.68 -1.13 14.22
CA HIS A 44 -0.27 -1.03 14.63
C HIS A 44 0.14 0.40 14.98
N THR A 45 1.41 0.72 14.74
CA THR A 45 1.89 2.08 14.56
C THR A 45 1.52 2.54 13.15
N ILE A 46 2.44 3.14 12.44
CA ILE A 46 2.44 3.60 11.06
C ILE A 46 3.68 3.12 10.33
N MET A 47 3.47 2.76 9.06
CA MET A 47 4.47 2.30 8.11
C MET A 47 4.46 3.02 6.77
N TRP A 48 5.52 2.80 5.97
CA TRP A 48 5.69 3.46 4.67
C TRP A 48 6.17 2.47 3.60
N LEU A 49 5.26 2.01 2.73
CA LEU A 49 5.52 0.87 1.81
C LEU A 49 5.46 1.35 0.34
N LYS A 50 6.04 0.63 -0.63
CA LYS A 50 6.21 1.10 -2.03
C LYS A 50 5.50 0.23 -3.11
N PRO A 51 4.16 0.31 -3.26
CA PRO A 51 3.35 -0.66 -4.02
C PRO A 51 3.13 -0.34 -5.50
N THR A 52 4.15 0.11 -6.26
CA THR A 52 4.17 0.66 -7.64
C THR A 52 3.05 0.15 -8.56
N VAL A 53 2.60 0.93 -9.54
CA VAL A 53 1.60 0.51 -10.54
C VAL A 53 1.94 -0.81 -11.26
N ASN A 54 3.23 -1.10 -11.49
CA ASN A 54 3.74 -2.36 -12.06
C ASN A 54 3.82 -3.53 -11.06
N GLU A 55 3.58 -3.26 -9.78
CA GLU A 55 4.04 -4.07 -8.66
C GLU A 55 2.99 -4.15 -7.56
N VAL A 56 3.45 -4.64 -6.41
CA VAL A 56 2.79 -4.84 -5.14
C VAL A 56 3.85 -4.62 -4.04
N ALA A 57 3.45 -4.32 -2.81
CA ALA A 57 4.35 -4.34 -1.65
C ALA A 57 3.65 -4.88 -0.41
N ARG A 58 4.34 -5.69 0.40
CA ARG A 58 3.85 -6.15 1.71
C ARG A 58 4.32 -5.20 2.80
N CYS A 59 3.45 -4.94 3.77
CA CYS A 59 3.81 -4.52 5.10
C CYS A 59 4.66 -5.58 5.82
N TRP A 60 5.33 -5.17 6.89
CA TRP A 60 5.90 -6.07 7.87
C TRP A 60 5.06 -6.12 9.16
N GLU A 61 4.24 -5.09 9.42
CA GLU A 61 3.48 -4.94 10.65
C GLU A 61 2.22 -5.81 10.59
N CYS A 62 1.10 -5.26 10.06
CA CYS A 62 -0.09 -6.03 9.80
C CYS A 62 0.14 -7.12 8.71
N GLY A 63 1.14 -6.95 7.83
CA GLY A 63 1.47 -7.93 6.81
C GLY A 63 0.41 -8.05 5.71
N SER A 64 -0.43 -7.03 5.52
CA SER A 64 -1.17 -6.96 4.26
C SER A 64 -0.22 -6.72 3.08
N VAL A 65 -0.64 -7.14 1.90
CA VAL A 65 -0.02 -6.71 0.64
C VAL A 65 -0.95 -5.64 0.08
N TYR A 66 -0.34 -4.57 -0.40
CA TYR A 66 -0.98 -3.37 -0.92
C TYR A 66 -0.60 -3.23 -2.38
N LYS A 67 -1.54 -2.69 -3.16
CA LYS A 67 -1.31 -2.44 -4.56
C LYS A 67 -1.77 -1.07 -5.02
N LEU A 68 -1.07 -0.60 -6.06
CA LEU A 68 -1.29 0.72 -6.62
C LEU A 68 -1.99 0.64 -7.97
N ASN A 69 -2.86 1.59 -8.16
CA ASN A 69 -3.74 1.64 -9.33
C ASN A 69 -3.22 2.64 -10.38
N PRO A 70 -3.54 2.47 -11.69
CA PRO A 70 -3.02 3.27 -12.82
C PRO A 70 -3.57 4.70 -12.91
N VAL A 71 -4.50 5.01 -12.03
CA VAL A 71 -5.17 6.29 -11.83
C VAL A 71 -4.20 7.48 -11.89
N GLY A 72 -4.68 8.64 -12.37
CA GLY A 72 -3.89 9.84 -12.46
C GLY A 72 -4.75 11.09 -12.45
N MET A 19 -0.51 -10.92 -3.51
CA MET A 19 0.39 -10.09 -4.29
C MET A 19 -0.45 -9.42 -5.38
N LYS A 20 -0.90 -10.19 -6.37
CA LYS A 20 -1.86 -9.86 -7.44
C LYS A 20 -2.50 -8.46 -7.41
N ASP A 21 -3.31 -8.24 -6.38
CA ASP A 21 -4.33 -7.21 -6.17
C ASP A 21 -5.06 -7.46 -4.81
N PRO A 22 -4.42 -7.11 -3.68
CA PRO A 22 -4.85 -7.37 -2.29
C PRO A 22 -5.65 -6.22 -1.67
N ILE A 23 -5.05 -5.04 -1.77
CA ILE A 23 -5.40 -3.74 -1.22
C ILE A 23 -4.95 -2.74 -2.26
N ILE A 24 -5.73 -1.70 -2.43
CA ILE A 24 -5.51 -0.68 -3.44
C ILE A 24 -5.21 0.64 -2.78
N ILE A 25 -4.18 1.32 -3.30
CA ILE A 25 -3.77 2.65 -2.91
C ILE A 25 -3.85 3.54 -4.13
N GLU A 26 -4.76 4.52 -4.08
CA GLU A 26 -5.01 5.49 -5.14
C GLU A 26 -3.85 6.49 -5.24
N SER A 27 -3.20 6.60 -6.40
CA SER A 27 -1.98 7.41 -6.55
C SER A 27 -1.71 7.82 -8.00
N TYR A 28 -1.97 9.10 -8.29
CA TYR A 28 -1.87 9.75 -9.61
C TYR A 28 -0.41 10.02 -10.05
N ASP A 29 0.51 9.08 -9.79
CA ASP A 29 1.96 9.29 -9.91
C ASP A 29 2.73 8.04 -10.38
N ASP A 30 2.06 6.90 -10.56
CA ASP A 30 2.57 5.56 -10.92
C ASP A 30 3.51 4.93 -9.88
N TYR A 31 4.06 5.68 -8.93
CA TYR A 31 5.13 5.23 -8.01
C TYR A 31 5.11 5.97 -6.66
N ARG A 32 3.92 6.44 -6.22
CA ARG A 32 3.72 7.00 -4.88
C ARG A 32 3.91 5.94 -3.79
N TYR A 33 4.15 6.42 -2.57
CA TYR A 33 4.10 5.61 -1.36
C TYR A 33 2.67 5.43 -0.80
N VAL A 34 2.53 4.52 0.15
CA VAL A 34 1.36 4.27 1.01
C VAL A 34 1.70 4.47 2.49
N GLY A 35 0.75 5.04 3.24
CA GLY A 35 0.73 5.02 4.70
C GLY A 35 -0.37 4.12 5.26
N CYS A 36 -0.02 2.95 5.77
CA CYS A 36 -0.89 2.07 6.54
C CYS A 36 -0.61 2.10 8.06
N THR A 37 -1.66 1.81 8.84
CA THR A 37 -1.64 1.71 10.30
C THR A 37 -2.07 0.35 10.85
N GLY A 38 -1.93 -0.71 10.04
CA GLY A 38 -2.37 -2.08 10.39
C GLY A 38 -3.83 -2.35 10.01
N SER A 39 -4.61 -1.28 10.00
CA SER A 39 -6.06 -1.23 9.82
C SER A 39 -6.46 0.26 9.79
N PRO A 40 -7.68 0.60 9.30
CA PRO A 40 -8.21 1.97 9.37
C PRO A 40 -8.54 2.44 10.79
N ALA A 41 -8.40 1.59 11.81
CA ALA A 41 -8.68 1.89 13.21
C ALA A 41 -7.43 1.99 14.10
N GLY A 42 -6.25 1.79 13.51
CA GLY A 42 -4.97 1.78 14.22
C GLY A 42 -4.74 0.45 14.92
N SER A 43 -4.08 -0.49 14.23
CA SER A 43 -3.67 -1.77 14.84
C SER A 43 -2.18 -1.81 15.18
N HIS A 44 -1.32 -1.11 14.43
CA HIS A 44 0.06 -0.86 14.83
C HIS A 44 0.40 0.65 14.83
N THR A 45 1.65 1.04 14.60
CA THR A 45 2.02 2.44 14.29
C THR A 45 1.60 2.84 12.88
N ILE A 46 2.22 3.84 12.29
CA ILE A 46 2.21 4.18 10.87
C ILE A 46 3.54 3.75 10.25
N MET A 47 3.52 3.31 9.00
CA MET A 47 4.74 3.05 8.22
C MET A 47 4.53 3.38 6.73
N TRP A 48 5.64 3.45 5.97
CA TRP A 48 5.61 3.85 4.56
C TRP A 48 6.11 2.73 3.63
N LEU A 49 5.35 2.40 2.57
CA LEU A 49 5.74 1.42 1.54
C LEU A 49 5.58 2.05 0.14
N LYS A 50 6.17 1.47 -0.91
CA LYS A 50 5.99 1.92 -2.31
C LYS A 50 5.68 0.73 -3.24
N PRO A 51 4.43 0.54 -3.69
CA PRO A 51 4.09 -0.54 -4.61
C PRO A 51 4.63 -0.31 -6.03
N THR A 52 4.07 0.68 -6.76
CA THR A 52 4.28 1.05 -8.18
C THR A 52 3.11 0.50 -9.00
N VAL A 53 2.72 1.19 -10.07
CA VAL A 53 1.54 0.95 -10.91
C VAL A 53 1.30 -0.52 -11.28
N ASN A 54 2.37 -1.24 -11.60
CA ASN A 54 2.33 -2.64 -12.01
C ASN A 54 2.30 -3.60 -10.81
N GLU A 55 2.78 -3.13 -9.67
CA GLU A 55 3.54 -3.87 -8.68
C GLU A 55 3.05 -3.72 -7.24
N VAL A 56 3.78 -4.43 -6.38
CA VAL A 56 3.37 -4.71 -5.00
C VAL A 56 4.44 -4.44 -3.94
N ALA A 57 4.00 -4.05 -2.74
CA ALA A 57 4.84 -3.83 -1.56
C ALA A 57 4.14 -4.28 -0.26
N ARG A 58 4.89 -4.89 0.67
CA ARG A 58 4.36 -5.55 1.87
C ARG A 58 4.93 -4.98 3.18
N CYS A 59 4.07 -4.84 4.19
CA CYS A 59 4.38 -4.22 5.46
C CYS A 59 5.29 -5.03 6.41
N TRP A 60 6.13 -4.29 7.14
CA TRP A 60 7.01 -4.82 8.17
C TRP A 60 6.43 -4.73 9.59
N GLU A 61 5.31 -4.01 9.82
CA GLU A 61 4.69 -4.00 11.16
C GLU A 61 3.61 -5.09 11.22
N CYS A 62 2.53 -4.96 10.44
CA CYS A 62 1.51 -5.97 10.28
C CYS A 62 2.01 -7.14 9.39
N GLY A 63 2.03 -6.89 8.07
CA GLY A 63 2.16 -7.94 7.05
C GLY A 63 1.09 -8.03 5.97
N SER A 64 0.30 -7.00 5.72
CA SER A 64 -0.55 -6.89 4.53
C SER A 64 0.29 -6.56 3.29
N VAL A 65 -0.05 -7.12 2.12
CA VAL A 65 0.52 -6.65 0.84
C VAL A 65 -0.42 -5.59 0.30
N TYR A 66 0.16 -4.52 -0.23
CA TYR A 66 -0.51 -3.40 -0.87
C TYR A 66 -0.10 -3.25 -2.34
N LYS A 67 -1.08 -2.87 -3.17
CA LYS A 67 -0.87 -2.54 -4.56
C LYS A 67 -1.20 -1.08 -4.86
N LEU A 68 -0.48 -0.53 -5.84
CA LEU A 68 -0.78 0.76 -6.45
C LEU A 68 -1.53 0.55 -7.77
N ASN A 69 -2.24 1.57 -8.20
CA ASN A 69 -3.07 1.55 -9.43
C ASN A 69 -2.59 2.52 -10.55
N PRO A 70 -2.93 2.24 -11.83
CA PRO A 70 -2.54 3.05 -13.01
C PRO A 70 -3.20 4.42 -13.12
N VAL A 71 -4.13 4.68 -12.21
CA VAL A 71 -4.88 5.93 -12.07
C VAL A 71 -3.94 7.15 -12.18
N GLY A 72 -4.37 8.19 -12.89
CA GLY A 72 -3.55 9.34 -13.16
C GLY A 72 -4.32 10.49 -13.75
N MET A 19 -0.77 -10.51 -3.24
CA MET A 19 -0.14 -9.85 -4.38
C MET A 19 -0.93 -9.67 -5.68
N LYS A 20 -2.11 -10.26 -5.78
CA LYS A 20 -3.02 -10.01 -6.89
C LYS A 20 -3.41 -8.53 -7.01
N ASP A 21 -4.00 -8.04 -5.94
CA ASP A 21 -4.88 -6.87 -5.81
C ASP A 21 -5.60 -6.93 -4.43
N PRO A 22 -4.84 -6.67 -3.35
CA PRO A 22 -5.23 -6.83 -1.96
C PRO A 22 -5.95 -5.60 -1.40
N ILE A 23 -5.30 -4.46 -1.60
CA ILE A 23 -5.49 -3.12 -1.11
C ILE A 23 -4.98 -2.24 -2.22
N ILE A 24 -5.67 -1.14 -2.43
CA ILE A 24 -5.38 -0.13 -3.42
C ILE A 24 -4.89 1.11 -2.74
N ILE A 25 -3.83 1.68 -3.30
CA ILE A 25 -3.27 2.98 -2.99
C ILE A 25 -3.43 3.80 -4.25
N GLU A 26 -3.73 5.09 -4.12
CA GLU A 26 -3.89 6.00 -5.24
C GLU A 26 -2.70 6.98 -5.29
N SER A 27 -2.30 7.38 -6.50
CA SER A 27 -1.02 8.10 -6.69
C SER A 27 -1.09 9.28 -7.66
N TYR A 28 -1.56 9.04 -8.89
CA TYR A 28 -1.49 9.94 -10.09
C TYR A 28 -0.15 9.88 -10.83
N ASP A 29 0.66 8.89 -10.45
CA ASP A 29 1.99 8.54 -10.93
C ASP A 29 2.15 7.02 -10.80
N ASP A 30 3.05 6.39 -11.58
CA ASP A 30 3.37 4.96 -11.47
C ASP A 30 3.88 4.52 -10.08
N TYR A 31 4.34 5.46 -9.24
CA TYR A 31 5.25 5.19 -8.11
C TYR A 31 5.16 6.20 -6.95
N ARG A 32 4.17 6.01 -6.07
CA ARG A 32 4.09 6.70 -4.75
C ARG A 32 3.90 5.74 -3.57
N TYR A 33 4.07 6.26 -2.35
CA TYR A 33 4.04 5.50 -1.09
C TYR A 33 2.64 5.41 -0.44
N VAL A 34 2.53 4.59 0.60
CA VAL A 34 1.37 4.46 1.50
C VAL A 34 1.78 4.67 2.95
N GLY A 35 0.88 5.31 3.70
CA GLY A 35 0.86 5.31 5.17
C GLY A 35 -0.22 4.37 5.73
N CYS A 36 0.11 3.10 6.04
CA CYS A 36 -0.83 2.16 6.65
C CYS A 36 -0.55 1.89 8.14
N THR A 37 -1.66 1.66 8.85
CA THR A 37 -1.68 1.35 10.28
C THR A 37 -2.22 -0.04 10.61
N GLY A 38 -2.49 -0.84 9.58
CA GLY A 38 -3.21 -2.12 9.73
C GLY A 38 -4.26 -2.40 8.66
N SER A 39 -4.77 -1.29 8.12
CA SER A 39 -6.19 -1.02 7.77
C SER A 39 -6.72 -0.04 8.82
N PRO A 40 -7.62 0.91 8.47
CA PRO A 40 -8.17 1.86 9.42
C PRO A 40 -8.93 1.15 10.53
N ALA A 41 -8.20 0.89 11.61
CA ALA A 41 -8.63 0.46 12.95
C ALA A 41 -7.46 0.20 13.91
N GLY A 42 -6.27 0.77 13.65
CA GLY A 42 -5.15 0.82 14.58
C GLY A 42 -4.55 -0.54 14.89
N SER A 43 -4.35 -1.39 13.88
CA SER A 43 -3.78 -2.74 14.08
C SER A 43 -2.39 -2.68 14.68
N HIS A 44 -1.58 -1.69 14.29
CA HIS A 44 -0.20 -1.51 14.74
C HIS A 44 0.11 -0.04 15.10
N THR A 45 1.31 0.43 14.75
CA THR A 45 1.61 1.86 14.57
C THR A 45 1.23 2.27 13.15
N ILE A 46 2.02 3.13 12.53
CA ILE A 46 1.99 3.61 11.15
C ILE A 46 3.30 3.34 10.42
N MET A 47 3.18 2.97 9.13
CA MET A 47 4.24 2.52 8.26
C MET A 47 4.25 3.09 6.85
N TRP A 48 5.43 3.12 6.24
CA TRP A 48 5.66 3.82 4.96
C TRP A 48 6.05 2.83 3.84
N LEU A 49 5.06 2.26 3.14
CA LEU A 49 5.28 1.21 2.13
C LEU A 49 5.17 1.83 0.73
N LYS A 50 5.56 1.12 -0.33
CA LYS A 50 5.73 1.73 -1.66
C LYS A 50 5.63 0.69 -2.79
N PRO A 51 4.41 0.42 -3.32
CA PRO A 51 4.22 -0.38 -4.52
C PRO A 51 4.45 0.49 -5.77
N THR A 52 4.43 -0.16 -6.94
CA THR A 52 4.41 0.45 -8.28
C THR A 52 3.06 0.11 -8.93
N VAL A 53 2.58 0.87 -9.91
CA VAL A 53 1.38 0.52 -10.72
C VAL A 53 1.43 -0.90 -11.31
N ASN A 54 2.61 -1.34 -11.77
CA ASN A 54 2.81 -2.69 -12.32
C ASN A 54 2.97 -3.77 -11.25
N GLU A 55 3.02 -3.39 -9.96
CA GLU A 55 3.66 -4.19 -8.92
C GLU A 55 2.90 -4.10 -7.59
N VAL A 56 3.56 -4.50 -6.50
CA VAL A 56 3.01 -4.67 -5.17
C VAL A 56 4.10 -4.41 -4.11
N ALA A 57 3.70 -4.08 -2.88
CA ALA A 57 4.60 -4.01 -1.71
C ALA A 57 3.91 -4.51 -0.43
N ARG A 58 4.63 -5.25 0.41
CA ARG A 58 4.11 -5.73 1.70
C ARG A 58 4.58 -4.83 2.84
N CYS A 59 3.70 -4.69 3.83
CA CYS A 59 4.03 -4.27 5.17
C CYS A 59 5.03 -5.23 5.83
N TRP A 60 5.69 -4.75 6.87
CA TRP A 60 6.35 -5.63 7.83
C TRP A 60 5.50 -5.81 9.10
N GLU A 61 4.53 -4.92 9.34
CA GLU A 61 3.72 -4.87 10.56
C GLU A 61 2.53 -5.83 10.42
N CYS A 62 1.35 -5.32 10.00
CA CYS A 62 0.15 -6.14 9.91
C CYS A 62 0.22 -7.29 8.85
N GLY A 63 1.23 -7.23 7.98
CA GLY A 63 1.52 -8.24 6.96
C GLY A 63 0.59 -8.21 5.75
N SER A 64 -0.17 -7.12 5.54
CA SER A 64 -0.89 -6.98 4.27
C SER A 64 0.07 -6.68 3.12
N VAL A 65 -0.20 -7.25 1.96
CA VAL A 65 0.32 -6.70 0.70
C VAL A 65 -0.60 -5.57 0.25
N TYR A 66 -0.01 -4.57 -0.40
CA TYR A 66 -0.62 -3.37 -0.97
C TYR A 66 -0.25 -3.21 -2.44
N LYS A 67 -1.12 -2.54 -3.20
CA LYS A 67 -0.93 -2.30 -4.62
C LYS A 67 -1.13 -0.82 -5.00
N LEU A 68 -0.47 -0.39 -6.07
CA LEU A 68 -0.84 0.82 -6.77
C LEU A 68 -1.68 0.52 -8.02
N ASN A 69 -2.31 1.57 -8.52
CA ASN A 69 -3.22 1.59 -9.65
C ASN A 69 -2.74 2.60 -10.74
N PRO A 70 -3.30 2.59 -11.96
CA PRO A 70 -2.86 3.48 -13.05
C PRO A 70 -3.47 4.88 -13.00
N VAL A 71 -4.68 4.97 -12.41
CA VAL A 71 -5.55 6.14 -12.22
C VAL A 71 -5.64 7.14 -13.40
N GLY A 72 -6.17 8.34 -13.12
CA GLY A 72 -5.55 9.57 -13.53
C GLY A 72 -6.35 10.80 -13.18
N MET A 19 -0.77 -10.41 -2.84
CA MET A 19 -0.22 -9.99 -4.14
C MET A 19 -1.10 -10.07 -5.38
N LYS A 20 -2.33 -10.55 -5.21
CA LYS A 20 -3.37 -10.34 -6.18
C LYS A 20 -3.63 -8.83 -6.35
N ASP A 21 -4.40 -8.29 -5.42
CA ASP A 21 -5.11 -7.01 -5.49
C ASP A 21 -5.93 -6.85 -4.19
N PRO A 22 -5.24 -6.45 -3.10
CA PRO A 22 -5.67 -6.55 -1.70
C PRO A 22 -6.34 -5.29 -1.14
N ILE A 23 -5.60 -4.18 -1.20
CA ILE A 23 -5.78 -2.86 -0.64
C ILE A 23 -5.29 -1.93 -1.72
N ILE A 24 -5.95 -0.81 -1.92
CA ILE A 24 -5.66 0.13 -2.97
C ILE A 24 -5.12 1.43 -2.40
N ILE A 25 -4.06 1.94 -3.03
CA ILE A 25 -3.34 3.14 -2.67
C ILE A 25 -3.36 4.04 -3.88
N GLU A 26 -4.28 5.01 -3.81
CA GLU A 26 -4.74 5.79 -4.96
C GLU A 26 -3.74 6.87 -5.32
N SER A 27 -3.22 6.83 -6.55
CA SER A 27 -1.90 7.43 -6.77
C SER A 27 -1.90 8.71 -7.60
N TYR A 28 -2.27 8.66 -8.89
CA TYR A 28 -2.16 9.75 -9.88
C TYR A 28 -0.70 10.02 -10.30
N ASP A 29 0.17 9.10 -9.90
CA ASP A 29 1.53 8.82 -10.36
C ASP A 29 1.69 7.29 -10.45
N ASP A 30 2.57 6.78 -11.30
CA ASP A 30 2.92 5.34 -11.36
C ASP A 30 3.76 4.87 -10.14
N TYR A 31 4.22 5.82 -9.31
CA TYR A 31 5.27 5.68 -8.29
C TYR A 31 4.93 6.48 -7.02
N ARG A 32 4.51 5.79 -5.94
CA ARG A 32 4.26 6.40 -4.61
C ARG A 32 4.53 5.42 -3.47
N TYR A 33 4.57 5.94 -2.23
CA TYR A 33 4.53 5.12 -1.02
C TYR A 33 3.14 5.17 -0.35
N VAL A 34 2.85 4.16 0.47
CA VAL A 34 1.69 4.12 1.37
C VAL A 34 2.13 4.43 2.80
N GLY A 35 1.29 5.17 3.52
CA GLY A 35 1.39 5.39 4.96
C GLY A 35 0.32 4.64 5.76
N CYS A 36 0.47 3.33 6.00
CA CYS A 36 -0.50 2.57 6.76
C CYS A 36 -0.15 2.44 8.24
N THR A 37 -1.22 2.49 9.03
CA THR A 37 -1.19 2.17 10.46
C THR A 37 -1.84 0.83 10.75
N GLY A 38 -1.97 -0.04 9.75
CA GLY A 38 -2.50 -1.38 9.95
C GLY A 38 -3.80 -1.64 9.22
N SER A 39 -3.79 -1.54 7.88
CA SER A 39 -4.93 -1.92 7.05
C SER A 39 -6.12 -0.95 7.27
N PRO A 40 -7.38 -1.21 6.84
CA PRO A 40 -8.50 -0.31 7.10
C PRO A 40 -9.02 -0.43 8.55
N ALA A 41 -8.11 -0.33 9.52
CA ALA A 41 -8.33 -0.81 10.87
C ALA A 41 -7.38 -0.26 11.95
N GLY A 42 -6.53 0.71 11.62
CA GLY A 42 -5.89 1.60 12.62
C GLY A 42 -5.18 0.87 13.77
N SER A 43 -4.37 -0.13 13.46
CA SER A 43 -4.09 -1.26 14.33
C SER A 43 -2.66 -1.38 14.88
N HIS A 44 -1.63 -0.79 14.25
CA HIS A 44 -0.24 -0.86 14.69
C HIS A 44 0.41 0.53 14.94
N THR A 45 1.74 0.66 14.71
CA THR A 45 2.39 1.97 14.53
C THR A 45 2.03 2.57 13.18
N ILE A 46 2.89 3.42 12.62
CA ILE A 46 2.85 3.90 11.25
C ILE A 46 4.07 3.49 10.45
N MET A 47 3.79 3.07 9.22
CA MET A 47 4.76 2.55 8.29
C MET A 47 4.68 3.14 6.91
N TRP A 48 5.80 3.08 6.21
CA TRP A 48 5.95 3.65 4.86
C TRP A 48 6.41 2.56 3.89
N LEU A 49 5.55 2.17 2.94
CA LEU A 49 5.81 1.02 2.07
C LEU A 49 5.72 1.45 0.60
N LYS A 50 6.49 0.82 -0.29
CA LYS A 50 6.55 1.23 -1.72
C LYS A 50 5.88 0.18 -2.64
N PRO A 51 4.70 0.46 -3.22
CA PRO A 51 4.26 -0.17 -4.45
C PRO A 51 4.72 0.66 -5.66
N THR A 52 4.31 0.26 -6.86
CA THR A 52 4.48 0.90 -8.17
C THR A 52 3.39 0.33 -9.06
N VAL A 53 3.00 1.01 -10.11
CA VAL A 53 1.89 0.60 -11.02
C VAL A 53 1.95 -0.87 -11.52
N ASN A 54 3.16 -1.41 -11.70
CA ASN A 54 3.40 -2.80 -12.12
C ASN A 54 3.28 -3.82 -10.98
N GLU A 55 2.98 -3.37 -9.76
CA GLU A 55 3.41 -4.05 -8.55
C GLU A 55 2.38 -4.05 -7.42
N VAL A 56 2.85 -4.60 -6.31
CA VAL A 56 2.25 -4.72 -4.99
C VAL A 56 3.35 -4.44 -3.96
N ALA A 57 3.01 -4.26 -2.69
CA ALA A 57 3.97 -4.02 -1.60
C ALA A 57 3.46 -4.60 -0.28
N ARG A 58 4.26 -5.42 0.41
CA ARG A 58 3.93 -5.91 1.75
C ARG A 58 4.49 -4.99 2.82
N CYS A 59 3.72 -4.79 3.87
CA CYS A 59 4.19 -4.32 5.16
C CYS A 59 5.17 -5.30 5.83
N TRP A 60 5.73 -4.87 6.96
CA TRP A 60 6.35 -5.77 7.93
C TRP A 60 5.55 -5.84 9.24
N GLU A 61 4.66 -4.86 9.47
CA GLU A 61 3.93 -4.63 10.70
C GLU A 61 2.64 -5.48 10.66
N CYS A 62 1.54 -4.95 10.09
CA CYS A 62 0.34 -5.72 9.76
C CYS A 62 0.62 -6.87 8.78
N GLY A 63 1.72 -6.83 8.04
CA GLY A 63 2.10 -7.78 7.01
C GLY A 63 1.08 -7.92 5.88
N SER A 64 0.14 -6.98 5.75
CA SER A 64 -0.76 -6.98 4.60
C SER A 64 -0.04 -6.49 3.34
N VAL A 65 -0.34 -7.10 2.21
CA VAL A 65 0.07 -6.54 0.92
C VAL A 65 -0.92 -5.44 0.54
N TYR A 66 -0.39 -4.44 -0.16
CA TYR A 66 -0.99 -3.20 -0.64
C TYR A 66 -0.68 -3.01 -2.11
N LYS A 67 -1.47 -2.21 -2.83
CA LYS A 67 -1.28 -2.08 -4.28
C LYS A 67 -1.47 -0.66 -4.80
N LEU A 68 -0.70 -0.34 -5.84
CA LEU A 68 -0.88 0.91 -6.58
C LEU A 68 -1.80 0.69 -7.77
N ASN A 69 -2.59 1.72 -8.07
CA ASN A 69 -3.42 1.80 -9.26
C ASN A 69 -2.90 2.91 -10.20
N PRO A 70 -3.04 2.76 -11.54
CA PRO A 70 -2.55 3.76 -12.50
C PRO A 70 -3.39 5.05 -12.47
N VAL A 71 -4.66 4.91 -12.08
CA VAL A 71 -5.74 5.93 -12.06
C VAL A 71 -5.78 6.86 -13.28
N GLY A 72 -6.41 8.02 -13.12
CA GLY A 72 -6.17 9.20 -13.95
C GLY A 72 -6.97 10.40 -13.50
N MET A 19 0.05 -10.85 -3.38
CA MET A 19 0.48 -10.50 -4.72
C MET A 19 -0.57 -10.84 -5.76
N LYS A 20 -1.24 -9.77 -6.10
CA LYS A 20 -2.31 -9.54 -7.07
C LYS A 20 -2.71 -8.08 -6.95
N ASP A 21 -3.99 -7.89 -6.68
CA ASP A 21 -4.63 -6.63 -6.44
C ASP A 21 -5.49 -6.78 -5.17
N PRO A 22 -4.82 -6.72 -3.99
CA PRO A 22 -5.35 -6.99 -2.67
C PRO A 22 -6.09 -5.80 -2.04
N ILE A 23 -5.34 -4.89 -1.42
CA ILE A 23 -5.76 -3.60 -0.90
C ILE A 23 -5.28 -2.56 -1.90
N ILE A 24 -6.03 -1.49 -2.02
CA ILE A 24 -5.78 -0.45 -3.02
C ILE A 24 -5.22 0.80 -2.37
N ILE A 25 -4.19 1.38 -3.00
CA ILE A 25 -3.61 2.68 -2.69
C ILE A 25 -3.76 3.55 -3.93
N GLU A 26 -4.79 4.39 -3.89
CA GLU A 26 -5.19 5.31 -4.95
C GLU A 26 -4.16 6.43 -5.05
N SER A 27 -3.56 6.61 -6.23
CA SER A 27 -2.34 7.42 -6.37
C SER A 27 -2.08 7.83 -7.81
N TYR A 28 -1.97 9.15 -8.06
CA TYR A 28 -1.74 9.71 -9.41
C TYR A 28 -0.23 9.72 -9.81
N ASP A 29 0.56 8.81 -9.23
CA ASP A 29 2.00 8.65 -9.44
C ASP A 29 2.32 7.14 -9.47
N ASP A 30 2.97 6.64 -10.53
CA ASP A 30 3.19 5.21 -10.87
C ASP A 30 4.03 4.36 -9.88
N TYR A 31 4.36 4.91 -8.71
CA TYR A 31 5.37 4.44 -7.74
C TYR A 31 5.21 5.09 -6.35
N ARG A 32 4.00 5.57 -6.05
CA ARG A 32 3.68 6.32 -4.83
C ARG A 32 3.77 5.48 -3.55
N TYR A 33 4.11 6.14 -2.44
CA TYR A 33 4.18 5.51 -1.12
C TYR A 33 2.81 5.42 -0.43
N VAL A 34 2.64 4.40 0.41
CA VAL A 34 1.52 4.23 1.34
C VAL A 34 1.96 4.47 2.78
N GLY A 35 1.12 5.16 3.54
CA GLY A 35 1.10 5.12 5.00
C GLY A 35 -0.13 4.37 5.48
N CYS A 36 0.04 3.12 5.92
CA CYS A 36 -0.96 2.37 6.67
C CYS A 36 -0.65 2.41 8.18
N THR A 37 -1.70 2.22 8.99
CA THR A 37 -1.57 2.07 10.45
C THR A 37 -2.03 0.75 11.03
N GLY A 38 -2.42 -0.20 10.20
CA GLY A 38 -2.86 -1.53 10.63
C GLY A 38 -4.30 -1.82 10.26
N SER A 39 -4.62 -1.71 8.97
CA SER A 39 -5.98 -1.71 8.42
C SER A 39 -6.61 -0.29 8.60
N PRO A 40 -7.94 -0.01 8.53
CA PRO A 40 -8.47 1.35 8.56
C PRO A 40 -8.56 1.93 9.99
N ALA A 41 -7.49 1.76 10.76
CA ALA A 41 -7.45 2.03 12.19
C ALA A 41 -6.00 2.04 12.70
N GLY A 42 -5.77 2.60 13.90
CA GLY A 42 -4.44 2.82 14.48
C GLY A 42 -3.83 1.58 15.11
N SER A 43 -3.94 0.41 14.47
CA SER A 43 -3.77 -0.90 15.14
C SER A 43 -2.33 -1.18 15.59
N HIS A 44 -1.32 -0.85 14.77
CA HIS A 44 0.08 -0.97 15.19
C HIS A 44 0.74 0.39 15.49
N THR A 45 1.04 1.17 14.45
CA THR A 45 1.75 2.47 14.35
C THR A 45 1.74 2.85 12.87
N ILE A 46 2.52 3.81 12.43
CA ILE A 46 2.69 4.14 11.02
C ILE A 46 3.96 3.51 10.46
N MET A 47 3.86 2.97 9.25
CA MET A 47 5.00 2.56 8.41
C MET A 47 4.73 2.91 6.93
N TRP A 48 5.77 2.91 6.09
CA TRP A 48 5.78 3.71 4.85
C TRP A 48 6.20 2.85 3.63
N LEU A 49 5.28 2.17 2.95
CA LEU A 49 5.62 1.20 1.90
C LEU A 49 5.57 1.85 0.52
N LYS A 50 6.10 1.18 -0.51
CA LYS A 50 6.18 1.73 -1.88
C LYS A 50 5.84 0.66 -2.93
N PRO A 51 4.55 0.50 -3.30
CA PRO A 51 4.15 -0.26 -4.48
C PRO A 51 4.38 0.58 -5.74
N THR A 52 4.32 -0.11 -6.89
CA THR A 52 4.46 0.43 -8.25
C THR A 52 3.18 0.13 -9.01
N VAL A 53 2.85 0.91 -10.04
CA VAL A 53 1.66 0.68 -10.86
C VAL A 53 1.60 -0.74 -11.46
N ASN A 54 2.76 -1.31 -11.79
CA ASN A 54 2.89 -2.69 -12.31
C ASN A 54 2.90 -3.76 -11.20
N GLU A 55 3.00 -3.36 -9.93
CA GLU A 55 3.54 -4.21 -8.87
C GLU A 55 2.76 -4.08 -7.55
N VAL A 56 3.33 -4.62 -6.48
CA VAL A 56 2.72 -4.78 -5.16
C VAL A 56 3.78 -4.51 -4.08
N ALA A 57 3.38 -4.15 -2.84
CA ALA A 57 4.28 -4.01 -1.69
C ALA A 57 3.62 -4.57 -0.41
N ARG A 58 4.38 -5.19 0.51
CA ARG A 58 3.84 -5.72 1.78
C ARG A 58 4.33 -4.95 3.00
N CYS A 59 3.42 -4.72 3.94
CA CYS A 59 3.70 -4.33 5.30
C CYS A 59 4.56 -5.37 6.06
N TRP A 60 5.26 -4.90 7.08
CA TRP A 60 5.93 -5.75 8.05
C TRP A 60 5.14 -5.92 9.36
N GLU A 61 4.10 -5.10 9.60
CA GLU A 61 3.42 -5.02 10.90
C GLU A 61 2.08 -5.76 10.88
N CYS A 62 1.02 -5.16 10.31
CA CYS A 62 -0.27 -5.81 10.08
C CYS A 62 -0.18 -6.89 8.97
N GLY A 63 0.81 -6.80 8.08
CA GLY A 63 1.09 -7.77 7.03
C GLY A 63 0.01 -7.81 5.96
N SER A 64 -0.63 -6.68 5.64
CA SER A 64 -1.31 -6.58 4.34
C SER A 64 -0.28 -6.47 3.20
N VAL A 65 -0.68 -6.93 2.01
CA VAL A 65 -0.05 -6.53 0.74
C VAL A 65 -0.96 -5.47 0.13
N TYR A 66 -0.35 -4.41 -0.37
CA TYR A 66 -0.96 -3.22 -0.95
C TYR A 66 -0.57 -3.08 -2.41
N LYS A 67 -1.53 -2.67 -3.23
CA LYS A 67 -1.30 -2.35 -4.62
C LYS A 67 -1.33 -0.85 -4.89
N LEU A 68 -0.51 -0.44 -5.87
CA LEU A 68 -0.76 0.78 -6.60
C LEU A 68 -1.61 0.50 -7.83
N ASN A 69 -2.49 1.43 -8.16
CA ASN A 69 -3.38 1.37 -9.33
C ASN A 69 -2.94 2.32 -10.48
N PRO A 70 -3.38 2.09 -11.75
CA PRO A 70 -3.01 2.87 -12.95
C PRO A 70 -3.62 4.27 -13.05
N VAL A 71 -4.48 4.58 -12.10
CA VAL A 71 -5.14 5.86 -11.93
C VAL A 71 -4.14 7.04 -12.02
N GLY A 72 -4.54 8.16 -12.63
CA GLY A 72 -3.68 9.31 -12.75
C GLY A 72 -4.41 10.51 -13.33
N MET A 19 -1.18 -10.74 -3.80
CA MET A 19 -0.46 -10.08 -4.88
C MET A 19 -1.19 -9.81 -6.18
N LYS A 20 -2.47 -10.15 -6.24
CA LYS A 20 -3.33 -9.74 -7.33
C LYS A 20 -3.68 -8.24 -7.29
N ASP A 21 -4.32 -7.85 -6.17
CA ASP A 21 -5.29 -6.76 -5.97
C ASP A 21 -5.99 -6.90 -4.58
N PRO A 22 -5.25 -6.66 -3.50
CA PRO A 22 -5.68 -6.86 -2.11
C PRO A 22 -6.37 -5.63 -1.51
N ILE A 23 -5.68 -4.52 -1.66
CA ILE A 23 -5.87 -3.18 -1.16
C ILE A 23 -5.35 -2.28 -2.26
N ILE A 24 -6.03 -1.17 -2.46
CA ILE A 24 -5.75 -0.22 -3.53
C ILE A 24 -5.40 1.14 -2.98
N ILE A 25 -4.28 1.67 -3.47
CA ILE A 25 -3.70 2.94 -3.07
C ILE A 25 -3.75 3.86 -4.26
N GLU A 26 -4.77 4.70 -4.26
CA GLU A 26 -4.98 5.74 -5.27
C GLU A 26 -3.93 6.83 -5.06
N SER A 27 -2.87 6.80 -5.88
CA SER A 27 -1.61 7.44 -5.50
C SER A 27 -1.33 8.76 -6.24
N TYR A 28 -1.57 8.81 -7.55
CA TYR A 28 -1.37 9.94 -8.46
C TYR A 28 0.12 10.25 -8.78
N ASP A 29 1.04 9.36 -8.37
CA ASP A 29 2.14 8.92 -9.24
C ASP A 29 2.24 7.38 -9.17
N ASP A 30 2.70 6.77 -10.26
CA ASP A 30 2.88 5.33 -10.47
C ASP A 30 3.72 4.61 -9.39
N TYR A 31 4.64 5.36 -8.77
CA TYR A 31 5.78 4.84 -8.01
C TYR A 31 5.88 5.39 -6.57
N ARG A 32 4.84 6.05 -6.05
CA ARG A 32 4.81 6.59 -4.68
C ARG A 32 5.06 5.52 -3.60
N TYR A 33 5.13 5.96 -2.34
CA TYR A 33 4.90 5.10 -1.19
C TYR A 33 3.44 5.21 -0.70
N VAL A 34 3.05 4.30 0.21
CA VAL A 34 1.78 4.30 0.95
C VAL A 34 2.00 4.46 2.46
N GLY A 35 1.11 5.19 3.13
CA GLY A 35 1.00 5.20 4.60
C GLY A 35 -0.20 4.40 5.14
N CYS A 36 0.01 3.18 5.64
CA CYS A 36 -0.95 2.52 6.54
C CYS A 36 -0.46 2.45 8.00
N THR A 37 -1.47 2.56 8.87
CA THR A 37 -1.37 2.22 10.28
C THR A 37 -2.01 0.88 10.58
N GLY A 38 -2.24 0.06 9.56
CA GLY A 38 -3.00 -1.17 9.69
C GLY A 38 -3.92 -1.49 8.52
N SER A 39 -4.51 -2.67 8.67
CA SER A 39 -5.92 -2.75 9.07
C SER A 39 -6.61 -1.39 9.39
N PRO A 40 -7.83 -1.11 8.88
CA PRO A 40 -8.49 0.20 8.90
C PRO A 40 -9.06 0.60 10.28
N ALA A 41 -8.18 0.65 11.28
CA ALA A 41 -8.54 0.76 12.69
C ALA A 41 -7.31 1.04 13.58
N GLY A 42 -6.50 2.03 13.18
CA GLY A 42 -5.44 2.65 14.02
C GLY A 42 -4.41 1.69 14.61
N SER A 43 -4.20 0.54 13.97
CA SER A 43 -3.90 -0.69 14.69
C SER A 43 -2.46 -0.78 15.18
N HIS A 44 -1.49 -0.37 14.37
CA HIS A 44 -0.05 -0.47 14.67
C HIS A 44 0.60 0.91 14.79
N THR A 45 1.89 1.04 14.45
CA THR A 45 2.49 2.34 14.11
C THR A 45 1.99 2.86 12.78
N ILE A 46 2.76 3.71 12.12
CA ILE A 46 2.62 4.09 10.73
C ILE A 46 3.83 3.65 9.93
N MET A 47 3.54 3.14 8.73
CA MET A 47 4.54 2.56 7.85
C MET A 47 4.49 3.05 6.43
N TRP A 48 5.65 2.99 5.78
CA TRP A 48 5.86 3.55 4.44
C TRP A 48 6.24 2.42 3.46
N LEU A 49 5.27 1.93 2.68
CA LEU A 49 5.46 0.77 1.78
C LEU A 49 5.46 1.24 0.32
N LYS A 50 5.95 0.45 -0.64
CA LYS A 50 6.03 0.86 -2.07
C LYS A 50 5.28 -0.07 -3.05
N PRO A 51 3.93 -0.02 -3.11
CA PRO A 51 3.11 -0.98 -3.86
C PRO A 51 2.90 -0.61 -5.35
N THR A 52 3.92 -0.10 -6.05
CA THR A 52 4.01 0.52 -7.41
C THR A 52 2.95 0.03 -8.41
N VAL A 53 2.55 0.86 -9.38
CA VAL A 53 1.58 0.50 -10.44
C VAL A 53 1.82 -0.88 -11.10
N ASN A 54 3.10 -1.24 -11.33
CA ASN A 54 3.53 -2.51 -11.93
C ASN A 54 3.58 -3.67 -10.94
N GLU A 55 3.42 -3.40 -9.65
CA GLU A 55 3.89 -4.24 -8.56
C GLU A 55 2.84 -4.39 -7.50
N VAL A 56 3.31 -4.75 -6.31
CA VAL A 56 2.63 -4.94 -5.05
C VAL A 56 3.69 -4.81 -3.96
N ALA A 57 3.33 -4.41 -2.75
CA ALA A 57 4.24 -4.43 -1.60
C ALA A 57 3.51 -4.84 -0.32
N ARG A 58 4.18 -5.60 0.55
CA ARG A 58 3.63 -6.02 1.83
C ARG A 58 4.16 -5.15 2.96
N CYS A 59 3.29 -4.87 3.92
CA CYS A 59 3.65 -4.38 5.23
C CYS A 59 4.55 -5.39 5.97
N TRP A 60 5.28 -4.89 6.97
CA TRP A 60 5.93 -5.72 7.99
C TRP A 60 5.16 -5.67 9.33
N GLU A 61 4.23 -4.73 9.46
CA GLU A 61 3.47 -4.48 10.68
C GLU A 61 2.18 -5.34 10.65
N CYS A 62 1.08 -4.86 10.03
CA CYS A 62 -0.16 -5.62 9.90
C CYS A 62 -0.11 -6.74 8.83
N GLY A 63 0.91 -6.68 7.95
CA GLY A 63 1.24 -7.71 6.95
C GLY A 63 0.22 -7.88 5.84
N SER A 64 -0.66 -6.90 5.62
CA SER A 64 -1.39 -6.89 4.36
C SER A 64 -0.43 -6.63 3.20
N VAL A 65 -0.67 -7.31 2.08
CA VAL A 65 -0.16 -6.89 0.78
C VAL A 65 -1.04 -5.75 0.27
N TYR A 66 -0.44 -4.77 -0.38
CA TYR A 66 -1.04 -3.57 -0.96
C TYR A 66 -0.72 -3.48 -2.44
N LYS A 67 -1.56 -2.77 -3.20
CA LYS A 67 -1.33 -2.47 -4.60
C LYS A 67 -1.65 -1.01 -4.96
N LEU A 68 -0.98 -0.50 -5.99
CA LEU A 68 -1.19 0.82 -6.57
C LEU A 68 -1.78 0.65 -7.98
N ASN A 69 -2.25 1.76 -8.51
CA ASN A 69 -3.08 1.84 -9.72
C ASN A 69 -2.53 2.82 -10.80
N PRO A 70 -3.00 2.80 -12.05
CA PRO A 70 -2.48 3.64 -13.16
C PRO A 70 -2.85 5.13 -13.08
N VAL A 71 -3.67 5.47 -12.10
CA VAL A 71 -4.23 6.78 -11.81
C VAL A 71 -3.21 7.94 -11.90
N GLY A 72 -3.64 9.07 -12.45
CA GLY A 72 -2.88 10.29 -12.66
C GLY A 72 -3.81 11.47 -12.90
N MET A 19 -0.25 -10.39 -3.36
CA MET A 19 0.51 -9.91 -4.51
C MET A 19 -0.23 -9.86 -5.85
N LYS A 20 -1.48 -9.47 -5.79
CA LYS A 20 -2.32 -9.22 -6.94
C LYS A 20 -2.81 -7.78 -6.91
N ASP A 21 -3.75 -7.55 -6.01
CA ASP A 21 -4.63 -6.40 -5.89
C ASP A 21 -5.57 -6.64 -4.67
N PRO A 22 -5.03 -6.48 -3.46
CA PRO A 22 -5.63 -6.73 -2.13
C PRO A 22 -6.36 -5.52 -1.57
N ILE A 23 -5.64 -4.39 -1.55
CA ILE A 23 -5.94 -3.08 -1.02
C ILE A 23 -5.39 -2.11 -2.05
N ILE A 24 -6.11 -1.02 -2.24
CA ILE A 24 -5.77 -0.01 -3.25
C ILE A 24 -5.13 1.20 -2.59
N ILE A 25 -4.10 1.71 -3.27
CA ILE A 25 -3.41 2.97 -2.99
C ILE A 25 -3.52 3.81 -4.24
N GLU A 26 -4.36 4.85 -4.16
CA GLU A 26 -4.70 5.70 -5.29
C GLU A 26 -3.58 6.72 -5.55
N SER A 27 -3.20 6.89 -6.81
CA SER A 27 -1.93 7.54 -7.15
C SER A 27 -1.86 8.01 -8.59
N TYR A 28 -1.94 9.33 -8.84
CA TYR A 28 -1.69 9.88 -10.20
C TYR A 28 -0.18 9.93 -10.50
N ASP A 29 0.48 8.86 -10.10
CA ASP A 29 1.92 8.65 -9.96
C ASP A 29 2.19 7.13 -9.98
N ASP A 30 3.04 6.61 -10.88
CA ASP A 30 3.15 5.17 -11.17
C ASP A 30 3.89 4.33 -10.10
N TYR A 31 4.43 4.93 -9.03
CA TYR A 31 5.55 4.38 -8.21
C TYR A 31 5.48 4.79 -6.72
N ARG A 32 4.30 5.17 -6.23
CA ARG A 32 4.15 6.06 -5.08
C ARG A 32 4.00 5.34 -3.72
N TYR A 33 4.38 6.04 -2.65
CA TYR A 33 4.35 5.48 -1.28
C TYR A 33 2.93 5.30 -0.71
N VAL A 34 2.83 4.47 0.33
CA VAL A 34 1.66 4.23 1.19
C VAL A 34 2.06 4.34 2.65
N GLY A 35 1.16 4.84 3.49
CA GLY A 35 1.23 4.73 4.95
C GLY A 35 -0.02 4.05 5.52
N CYS A 36 0.19 3.00 6.32
CA CYS A 36 -0.82 2.33 7.15
C CYS A 36 -0.44 2.34 8.64
N THR A 37 -1.47 2.31 9.50
CA THR A 37 -1.35 2.13 10.96
C THR A 37 -2.03 0.86 11.48
N GLY A 38 -2.17 -0.16 10.63
CA GLY A 38 -2.87 -1.40 10.97
C GLY A 38 -4.31 -1.36 10.53
N SER A 39 -4.52 -1.37 9.21
CA SER A 39 -5.87 -1.26 8.60
C SER A 39 -6.43 0.18 8.82
N PRO A 40 -7.62 0.56 8.32
CA PRO A 40 -8.16 1.92 8.46
C PRO A 40 -8.77 2.17 9.86
N ALA A 41 -8.14 1.64 10.90
CA ALA A 41 -8.73 1.50 12.24
C ALA A 41 -7.73 1.51 13.41
N GLY A 42 -6.44 1.71 13.14
CA GLY A 42 -5.40 2.01 14.14
C GLY A 42 -5.02 0.83 15.03
N SER A 43 -4.30 -0.16 14.48
CA SER A 43 -3.98 -1.39 15.23
C SER A 43 -2.55 -1.49 15.73
N HIS A 44 -1.59 -0.87 15.04
CA HIS A 44 -0.16 -0.94 15.38
C HIS A 44 0.47 0.47 15.47
N THR A 45 1.77 0.61 15.13
CA THR A 45 2.41 1.93 14.92
C THR A 45 2.04 2.52 13.55
N ILE A 46 2.88 3.35 12.96
CA ILE A 46 2.90 3.77 11.57
C ILE A 46 4.06 3.09 10.82
N MET A 47 3.88 2.87 9.52
CA MET A 47 4.94 2.41 8.61
C MET A 47 4.80 3.12 7.26
N TRP A 48 5.77 2.94 6.35
CA TRP A 48 5.70 3.46 4.98
C TRP A 48 6.19 2.44 3.96
N LEU A 49 5.38 2.10 2.94
CA LEU A 49 5.75 1.19 1.85
C LEU A 49 5.66 1.94 0.52
N LYS A 50 5.97 1.27 -0.59
CA LYS A 50 5.81 1.83 -1.95
C LYS A 50 5.56 0.71 -2.99
N PRO A 51 4.30 0.50 -3.44
CA PRO A 51 4.00 -0.28 -4.63
C PRO A 51 4.24 0.55 -5.90
N THR A 52 4.16 -0.11 -7.06
CA THR A 52 4.26 0.45 -8.42
C THR A 52 2.99 0.08 -9.17
N VAL A 53 2.57 0.80 -10.20
CA VAL A 53 1.40 0.42 -11.03
C VAL A 53 1.52 -1.00 -11.61
N ASN A 54 2.75 -1.44 -11.87
CA ASN A 54 3.10 -2.77 -12.37
C ASN A 54 3.20 -3.84 -11.26
N GLU A 55 3.12 -3.42 -9.98
CA GLU A 55 3.66 -4.17 -8.84
C GLU A 55 2.82 -3.98 -7.58
N VAL A 56 3.35 -4.44 -6.45
CA VAL A 56 2.69 -4.56 -5.14
C VAL A 56 3.69 -4.21 -4.03
N ALA A 57 3.24 -4.08 -2.78
CA ALA A 57 4.10 -3.90 -1.60
C ALA A 57 3.45 -4.48 -0.33
N ARG A 58 4.24 -5.00 0.62
CA ARG A 58 3.72 -5.56 1.88
C ARG A 58 4.18 -4.76 3.10
N CYS A 59 3.25 -4.57 4.04
CA CYS A 59 3.54 -4.23 5.42
C CYS A 59 4.48 -5.26 6.12
N TRP A 60 5.15 -4.82 7.16
CA TRP A 60 5.86 -5.71 8.10
C TRP A 60 5.18 -5.79 9.48
N GLU A 61 4.17 -4.94 9.75
CA GLU A 61 3.52 -4.80 11.06
C GLU A 61 2.23 -5.67 11.10
N CYS A 62 1.08 -5.17 10.58
CA CYS A 62 -0.12 -5.97 10.32
C CYS A 62 0.04 -6.90 9.09
N GLY A 63 1.06 -6.67 8.27
CA GLY A 63 1.48 -7.58 7.21
C GLY A 63 0.49 -7.67 6.05
N SER A 64 -0.35 -6.66 5.86
CA SER A 64 -1.21 -6.53 4.68
C SER A 64 -0.36 -6.17 3.45
N VAL A 65 -0.55 -6.91 2.35
CA VAL A 65 -0.11 -6.44 1.03
C VAL A 65 -1.10 -5.40 0.50
N TYR A 66 -0.57 -4.45 -0.25
CA TYR A 66 -1.20 -3.29 -0.90
C TYR A 66 -0.76 -3.20 -2.37
N LYS A 67 -1.56 -2.54 -3.20
CA LYS A 67 -1.25 -2.41 -4.62
C LYS A 67 -1.58 -1.03 -5.20
N LEU A 68 -0.85 -0.66 -6.25
CA LEU A 68 -1.07 0.61 -6.95
C LEU A 68 -1.86 0.42 -8.24
N ASN A 69 -2.70 1.41 -8.52
CA ASN A 69 -3.65 1.38 -9.64
C ASN A 69 -3.14 2.18 -10.87
N PRO A 70 -3.72 1.96 -12.07
CA PRO A 70 -3.37 2.73 -13.28
C PRO A 70 -3.96 4.14 -13.31
N VAL A 71 -5.09 4.34 -12.63
CA VAL A 71 -5.76 5.61 -12.30
C VAL A 71 -5.93 6.61 -13.46
N GLY A 72 -6.16 7.89 -13.11
CA GLY A 72 -5.42 8.99 -13.72
C GLY A 72 -6.21 10.29 -13.86
N MET A 19 -0.41 -10.49 -3.21
CA MET A 19 -0.04 -10.22 -4.61
C MET A 19 -1.12 -10.65 -5.60
N LYS A 20 -1.49 -9.64 -6.36
CA LYS A 20 -2.70 -9.37 -7.12
C LYS A 20 -3.17 -7.96 -6.77
N ASP A 21 -4.44 -7.85 -6.47
CA ASP A 21 -5.19 -6.69 -6.09
C ASP A 21 -5.91 -7.02 -4.75
N PRO A 22 -5.24 -6.71 -3.63
CA PRO A 22 -5.68 -6.95 -2.26
C PRO A 22 -6.36 -5.72 -1.62
N ILE A 23 -5.66 -4.60 -1.76
CA ILE A 23 -5.84 -3.29 -1.18
C ILE A 23 -5.26 -2.35 -2.22
N ILE A 24 -5.95 -1.25 -2.44
CA ILE A 24 -5.65 -0.27 -3.46
C ILE A 24 -5.27 1.07 -2.84
N ILE A 25 -4.19 1.64 -3.36
CA ILE A 25 -3.62 2.91 -2.95
C ILE A 25 -3.60 3.82 -4.16
N GLU A 26 -4.42 4.87 -4.08
CA GLU A 26 -4.65 5.78 -5.20
C GLU A 26 -3.56 6.85 -5.30
N SER A 27 -3.12 7.09 -6.52
CA SER A 27 -1.76 7.62 -6.72
C SER A 27 -1.72 8.91 -7.54
N TYR A 28 -2.30 8.89 -8.75
CA TYR A 28 -2.26 9.96 -9.77
C TYR A 28 -0.90 10.07 -10.48
N ASP A 29 -0.11 9.00 -10.30
CA ASP A 29 1.21 8.66 -10.83
C ASP A 29 1.29 7.12 -10.89
N ASP A 30 2.30 6.57 -11.56
CA ASP A 30 2.71 5.16 -11.44
C ASP A 30 3.43 4.83 -10.11
N TYR A 31 3.73 5.86 -9.30
CA TYR A 31 4.67 5.80 -8.16
C TYR A 31 4.31 6.72 -6.97
N ARG A 32 4.11 6.06 -5.83
CA ARG A 32 4.00 6.62 -4.46
C ARG A 32 4.66 5.68 -3.45
N TYR A 33 4.69 6.07 -2.18
CA TYR A 33 4.65 5.12 -1.06
C TYR A 33 3.23 5.06 -0.46
N VAL A 34 2.99 4.14 0.47
CA VAL A 34 1.73 4.07 1.23
C VAL A 34 2.00 4.18 2.73
N GLY A 35 1.12 4.88 3.45
CA GLY A 35 1.06 4.94 4.92
C GLY A 35 -0.12 4.18 5.52
N CYS A 36 0.04 2.89 5.90
CA CYS A 36 -0.93 2.18 6.74
C CYS A 36 -0.49 2.08 8.20
N THR A 37 -1.52 2.07 9.05
CA THR A 37 -1.40 1.89 10.49
C THR A 37 -2.03 0.59 10.98
N GLY A 38 -2.36 -0.34 10.09
CA GLY A 38 -3.03 -1.59 10.47
C GLY A 38 -4.52 -1.49 10.19
N SER A 39 -4.90 -1.71 8.92
CA SER A 39 -6.27 -1.48 8.42
C SER A 39 -6.71 0.00 8.64
N PRO A 40 -8.01 0.41 8.58
CA PRO A 40 -8.40 1.78 8.92
C PRO A 40 -8.39 2.08 10.42
N ALA A 41 -8.17 1.06 11.28
CA ALA A 41 -8.43 1.13 12.72
C ALA A 41 -7.20 1.42 13.60
N GLY A 42 -6.08 1.87 13.01
CA GLY A 42 -4.90 2.34 13.78
C GLY A 42 -4.22 1.24 14.60
N SER A 43 -4.22 0.02 14.09
CA SER A 43 -3.93 -1.20 14.86
C SER A 43 -2.48 -1.30 15.34
N HIS A 44 -1.50 -0.91 14.53
CA HIS A 44 -0.07 -1.00 14.80
C HIS A 44 0.61 0.38 14.94
N THR A 45 1.88 0.54 14.56
CA THR A 45 2.50 1.84 14.29
C THR A 45 2.02 2.42 12.96
N ILE A 46 2.82 3.25 12.32
CA ILE A 46 2.70 3.68 10.93
C ILE A 46 3.90 3.27 10.11
N MET A 47 3.61 2.80 8.90
CA MET A 47 4.57 2.21 8.01
C MET A 47 4.54 2.72 6.58
N TRP A 48 5.70 2.66 5.94
CA TRP A 48 5.89 3.23 4.60
C TRP A 48 6.23 2.11 3.60
N LEU A 49 5.27 1.71 2.77
CA LEU A 49 5.43 0.59 1.83
C LEU A 49 5.45 1.10 0.38
N LYS A 50 5.94 0.29 -0.58
CA LYS A 50 6.19 0.72 -1.98
C LYS A 50 5.30 -0.01 -3.02
N PRO A 51 4.06 0.46 -3.29
CA PRO A 51 3.03 -0.30 -3.99
C PRO A 51 3.02 -0.16 -5.52
N THR A 52 4.09 0.36 -6.16
CA THR A 52 4.27 0.87 -7.55
C THR A 52 3.39 0.19 -8.61
N VAL A 53 3.04 0.87 -9.71
CA VAL A 53 2.14 0.28 -10.74
C VAL A 53 2.48 -1.16 -11.18
N ASN A 54 3.77 -1.46 -11.39
CA ASN A 54 4.30 -2.77 -11.78
C ASN A 54 4.40 -3.78 -10.63
N GLU A 55 4.12 -3.34 -9.40
CA GLU A 55 4.55 -3.99 -8.19
C GLU A 55 3.41 -4.17 -7.20
N VAL A 56 3.81 -4.71 -6.06
CA VAL A 56 3.05 -4.95 -4.85
C VAL A 56 4.02 -4.82 -3.69
N ALA A 57 3.50 -4.52 -2.49
CA ALA A 57 4.33 -4.47 -1.27
C ALA A 57 3.57 -5.06 -0.10
N ARG A 58 4.23 -5.94 0.67
CA ARG A 58 3.71 -6.39 1.96
C ARG A 58 4.14 -5.40 3.02
N CYS A 59 3.23 -5.09 3.92
CA CYS A 59 3.56 -4.64 5.26
C CYS A 59 4.42 -5.68 5.98
N TRP A 60 5.22 -5.22 6.93
CA TRP A 60 5.83 -6.08 7.94
C TRP A 60 5.04 -6.06 9.26
N GLU A 61 4.19 -5.05 9.46
CA GLU A 61 3.41 -4.86 10.68
C GLU A 61 2.13 -5.72 10.59
N CYS A 62 0.99 -5.19 10.09
CA CYS A 62 -0.24 -5.96 9.91
C CYS A 62 -0.15 -7.08 8.84
N GLY A 63 0.89 -7.04 7.99
CA GLY A 63 1.30 -8.10 7.06
C GLY A 63 0.39 -8.29 5.86
N SER A 64 -0.47 -7.33 5.54
CA SER A 64 -1.20 -7.34 4.27
C SER A 64 -0.32 -6.90 3.10
N VAL A 65 -0.51 -7.49 1.91
CA VAL A 65 -0.01 -6.91 0.66
C VAL A 65 -0.97 -5.82 0.19
N TYR A 66 -0.39 -4.78 -0.42
CA TYR A 66 -1.01 -3.60 -1.00
C TYR A 66 -0.58 -3.43 -2.46
N LYS A 67 -1.47 -2.88 -3.28
CA LYS A 67 -1.18 -2.44 -4.65
C LYS A 67 -1.53 -0.97 -4.90
N LEU A 68 -0.82 -0.40 -5.87
CA LEU A 68 -1.14 0.87 -6.51
C LEU A 68 -2.00 0.64 -7.75
N ASN A 69 -2.74 1.67 -8.13
CA ASN A 69 -3.37 1.80 -9.43
C ASN A 69 -2.81 3.09 -10.08
N PRO A 70 -2.50 3.09 -11.39
CA PRO A 70 -1.81 4.20 -12.06
C PRO A 70 -2.68 5.46 -12.14
N VAL A 71 -3.99 5.23 -12.22
CA VAL A 71 -5.10 6.19 -12.33
C VAL A 71 -4.84 7.38 -13.29
N GLY A 72 -5.58 8.46 -13.06
CA GLY A 72 -5.31 9.82 -13.48
C GLY A 72 -6.39 10.73 -12.92
N MET A 19 -0.25 -10.58 -3.09
CA MET A 19 0.18 -10.28 -4.47
C MET A 19 -0.88 -10.64 -5.50
N LYS A 20 -1.33 -9.58 -6.15
CA LYS A 20 -2.38 -9.40 -7.16
C LYS A 20 -2.99 -8.01 -7.08
N ASP A 21 -3.84 -7.85 -6.07
CA ASP A 21 -4.85 -6.79 -5.90
C ASP A 21 -5.66 -7.06 -4.60
N PRO A 22 -5.05 -6.79 -3.44
CA PRO A 22 -5.58 -6.98 -2.09
C PRO A 22 -6.35 -5.75 -1.58
N ILE A 23 -5.70 -4.60 -1.73
CA ILE A 23 -5.98 -3.26 -1.26
C ILE A 23 -5.41 -2.36 -2.33
N ILE A 24 -6.10 -1.26 -2.59
CA ILE A 24 -5.73 -0.26 -3.57
C ILE A 24 -5.23 0.99 -2.87
N ILE A 25 -4.26 1.67 -3.48
CA ILE A 25 -3.79 3.02 -3.14
C ILE A 25 -3.81 3.91 -4.37
N GLU A 26 -4.77 4.83 -4.38
CA GLU A 26 -4.93 5.85 -5.41
C GLU A 26 -3.75 6.83 -5.45
N SER A 27 -3.18 6.92 -6.64
CA SER A 27 -1.81 7.39 -6.77
C SER A 27 -1.65 8.69 -7.55
N TYR A 28 -2.09 8.75 -8.81
CA TYR A 28 -1.80 9.85 -9.77
C TYR A 28 -0.28 9.90 -10.08
N ASP A 29 0.38 8.75 -9.93
CA ASP A 29 1.83 8.51 -9.96
C ASP A 29 2.10 7.00 -10.05
N ASP A 30 3.18 6.55 -10.69
CA ASP A 30 3.48 5.11 -10.78
C ASP A 30 4.05 4.52 -9.48
N TYR A 31 4.69 5.37 -8.66
CA TYR A 31 5.79 5.04 -7.75
C TYR A 31 5.71 5.75 -6.39
N ARG A 32 4.55 6.34 -6.06
CA ARG A 32 4.26 6.97 -4.76
C ARG A 32 4.37 5.98 -3.58
N TYR A 33 4.37 6.52 -2.35
CA TYR A 33 4.28 5.71 -1.13
C TYR A 33 2.89 5.79 -0.43
N VAL A 34 2.61 4.79 0.41
CA VAL A 34 1.46 4.72 1.34
C VAL A 34 1.96 4.69 2.79
N GLY A 35 1.25 5.29 3.73
CA GLY A 35 1.45 5.07 5.17
C GLY A 35 0.28 4.29 5.80
N CYS A 36 0.44 2.99 6.02
CA CYS A 36 -0.50 2.15 6.77
C CYS A 36 -0.22 2.17 8.30
N THR A 37 -1.30 2.24 9.10
CA THR A 37 -1.25 2.06 10.56
C THR A 37 -1.88 0.74 11.06
N GLY A 38 -1.97 -0.25 10.19
CA GLY A 38 -2.63 -1.52 10.49
C GLY A 38 -4.03 -1.56 9.89
N SER A 39 -4.12 -1.34 8.57
CA SER A 39 -5.42 -1.21 7.88
C SER A 39 -6.17 0.07 8.37
N PRO A 40 -7.48 0.32 8.08
CA PRO A 40 -8.10 1.62 8.36
C PRO A 40 -8.49 1.86 9.83
N ALA A 41 -8.13 0.93 10.74
CA ALA A 41 -8.64 0.87 12.11
C ALA A 41 -7.58 1.04 13.20
N GLY A 42 -6.36 1.50 12.85
CA GLY A 42 -5.34 1.92 13.84
C GLY A 42 -4.85 0.77 14.71
N SER A 43 -4.27 -0.26 14.10
CA SER A 43 -3.94 -1.52 14.78
C SER A 43 -2.49 -1.66 15.22
N HIS A 44 -1.53 -1.01 14.56
CA HIS A 44 -0.14 -0.88 15.03
C HIS A 44 0.34 0.60 14.96
N THR A 45 1.66 0.83 14.92
CA THR A 45 2.26 2.15 14.62
C THR A 45 2.18 2.48 13.13
N ILE A 46 3.08 3.28 12.57
CA ILE A 46 3.10 3.70 11.15
C ILE A 46 4.27 3.20 10.28
N MET A 47 3.86 2.68 9.10
CA MET A 47 4.64 1.93 8.14
C MET A 47 4.47 2.39 6.68
N TRP A 48 5.59 2.69 6.02
CA TRP A 48 5.63 3.38 4.73
C TRP A 48 5.98 2.42 3.57
N LEU A 49 5.06 2.18 2.62
CA LEU A 49 5.22 1.16 1.58
C LEU A 49 5.17 1.78 0.18
N LYS A 50 5.75 1.11 -0.83
CA LYS A 50 5.67 1.47 -2.25
C LYS A 50 4.97 0.35 -3.08
N PRO A 51 3.66 0.43 -3.30
CA PRO A 51 2.85 -0.63 -3.90
C PRO A 51 2.77 -0.57 -5.45
N THR A 52 3.82 -0.04 -6.12
CA THR A 52 4.00 0.49 -7.51
C THR A 52 3.02 0.01 -8.59
N VAL A 53 2.82 0.81 -9.65
CA VAL A 53 1.93 0.45 -10.77
C VAL A 53 2.22 -0.94 -11.37
N ASN A 54 3.49 -1.36 -11.38
CA ASN A 54 3.97 -2.65 -11.87
C ASN A 54 4.02 -3.75 -10.80
N GLU A 55 3.75 -3.41 -9.54
CA GLU A 55 4.16 -4.18 -8.38
C GLU A 55 3.04 -4.26 -7.35
N VAL A 56 3.42 -4.58 -6.12
CA VAL A 56 2.66 -4.80 -4.92
C VAL A 56 3.63 -4.56 -3.75
N ALA A 57 3.13 -4.31 -2.54
CA ALA A 57 3.98 -4.19 -1.36
C ALA A 57 3.28 -4.77 -0.12
N ARG A 58 4.00 -5.60 0.64
CA ARG A 58 3.55 -6.07 1.95
C ARG A 58 4.06 -5.11 3.03
N CYS A 59 3.16 -4.67 3.90
CA CYS A 59 3.55 -4.20 5.22
C CYS A 59 4.34 -5.30 5.95
N TRP A 60 5.37 -4.90 6.69
CA TRP A 60 6.08 -5.81 7.57
C TRP A 60 5.37 -6.01 8.93
N GLU A 61 4.39 -5.15 9.25
CA GLU A 61 3.77 -5.06 10.57
C GLU A 61 2.47 -5.87 10.58
N CYS A 62 1.32 -5.27 10.26
CA CYS A 62 0.05 -5.99 10.11
C CYS A 62 0.11 -7.09 9.03
N GLY A 63 1.00 -6.95 8.04
CA GLY A 63 1.12 -7.89 6.92
C GLY A 63 -0.04 -7.81 5.94
N SER A 64 -0.71 -6.67 5.83
CA SER A 64 -1.51 -6.40 4.62
C SER A 64 -0.58 -6.16 3.44
N VAL A 65 -0.78 -6.94 2.36
CA VAL A 65 -0.26 -6.57 1.04
C VAL A 65 -1.19 -5.52 0.46
N TYR A 66 -0.62 -4.63 -0.32
CA TYR A 66 -1.22 -3.46 -0.97
C TYR A 66 -0.78 -3.41 -2.43
N LYS A 67 -1.59 -2.78 -3.28
CA LYS A 67 -1.27 -2.56 -4.68
C LYS A 67 -1.64 -1.15 -5.17
N LEU A 68 -1.07 -0.76 -6.31
CA LEU A 68 -1.28 0.55 -6.91
C LEU A 68 -2.02 0.49 -8.23
N ASN A 69 -2.84 1.49 -8.45
CA ASN A 69 -3.61 1.67 -9.67
C ASN A 69 -3.08 2.91 -10.43
N PRO A 70 -3.07 2.89 -11.78
CA PRO A 70 -2.50 3.98 -12.58
C PRO A 70 -3.31 5.27 -12.46
N VAL A 71 -4.61 5.12 -12.19
CA VAL A 71 -5.65 6.16 -12.15
C VAL A 71 -5.57 7.21 -13.28
N GLY A 72 -6.16 8.38 -13.04
CA GLY A 72 -5.62 9.67 -13.39
C GLY A 72 -6.60 10.77 -13.02
N MET A 19 -0.70 -10.57 -3.76
CA MET A 19 -0.14 -9.86 -4.90
C MET A 19 -1.08 -9.56 -6.08
N LYS A 20 -2.17 -10.30 -6.17
CA LYS A 20 -3.26 -10.05 -7.11
C LYS A 20 -3.73 -8.59 -7.11
N ASP A 21 -4.26 -8.17 -5.97
CA ASP A 21 -5.18 -7.03 -5.75
C ASP A 21 -5.85 -7.16 -4.35
N PRO A 22 -5.10 -6.80 -3.30
CA PRO A 22 -5.45 -6.92 -1.89
C PRO A 22 -6.19 -5.68 -1.35
N ILE A 23 -5.58 -4.54 -1.61
CA ILE A 23 -5.80 -3.19 -1.11
C ILE A 23 -5.26 -2.28 -2.21
N ILE A 24 -5.94 -1.17 -2.43
CA ILE A 24 -5.63 -0.24 -3.51
C ILE A 24 -5.26 1.13 -2.98
N ILE A 25 -4.22 1.70 -3.60
CA ILE A 25 -3.60 2.99 -3.29
C ILE A 25 -3.50 3.81 -4.57
N GLU A 26 -4.26 4.90 -4.61
CA GLU A 26 -4.39 5.83 -5.75
C GLU A 26 -3.11 6.64 -5.97
N SER A 27 -2.56 6.58 -7.19
CA SER A 27 -1.21 7.08 -7.46
C SER A 27 -1.00 7.72 -8.85
N TYR A 28 -1.20 9.04 -8.94
CA TYR A 28 -0.94 9.85 -10.14
C TYR A 28 0.58 10.12 -10.28
N ASP A 29 1.34 9.04 -10.47
CA ASP A 29 2.80 8.95 -10.40
C ASP A 29 3.36 7.58 -10.83
N ASP A 30 2.54 6.53 -10.98
CA ASP A 30 2.98 5.15 -11.20
C ASP A 30 3.78 4.50 -10.01
N TYR A 31 4.15 5.26 -8.96
CA TYR A 31 5.04 4.80 -7.88
C TYR A 31 4.87 5.46 -6.49
N ARG A 32 3.70 6.03 -6.15
CA ARG A 32 3.46 6.60 -4.79
C ARG A 32 3.73 5.59 -3.65
N TYR A 33 4.15 6.11 -2.50
CA TYR A 33 4.12 5.36 -1.22
C TYR A 33 2.69 5.30 -0.62
N VAL A 34 2.47 4.36 0.29
CA VAL A 34 1.24 4.17 1.08
C VAL A 34 1.47 4.44 2.56
N GLY A 35 0.47 4.98 3.26
CA GLY A 35 0.37 4.98 4.72
C GLY A 35 -0.57 3.90 5.24
N CYS A 36 -0.04 2.88 5.94
CA CYS A 36 -0.79 1.83 6.61
C CYS A 36 -0.74 1.92 8.16
N THR A 37 -1.89 1.90 8.83
CA THR A 37 -1.99 1.72 10.29
C THR A 37 -2.58 0.39 10.73
N GLY A 38 -2.35 -0.72 10.02
CA GLY A 38 -2.79 -2.05 10.47
C GLY A 38 -4.22 -2.41 10.09
N SER A 39 -5.04 -1.36 10.05
CA SER A 39 -6.48 -1.25 9.82
C SER A 39 -6.85 0.25 10.00
N PRO A 40 -8.10 0.70 9.82
CA PRO A 40 -8.51 2.04 10.24
C PRO A 40 -8.47 2.23 11.77
N ALA A 41 -8.37 1.14 12.55
CA ALA A 41 -8.26 1.15 14.01
C ALA A 41 -6.81 0.89 14.46
N GLY A 42 -5.87 1.72 13.98
CA GLY A 42 -4.57 2.05 14.61
C GLY A 42 -3.63 0.89 14.96
N SER A 43 -3.79 -0.27 14.35
CA SER A 43 -3.66 -1.54 15.04
C SER A 43 -2.24 -1.92 15.44
N HIS A 44 -1.22 -1.44 14.73
CA HIS A 44 0.17 -1.56 15.20
C HIS A 44 0.87 -0.29 15.69
N THR A 45 0.39 0.86 15.18
CA THR A 45 1.06 2.12 14.85
C THR A 45 0.83 2.40 13.37
N ILE A 46 1.74 3.13 12.72
CA ILE A 46 1.75 3.63 11.36
C ILE A 46 3.04 3.31 10.63
N MET A 47 2.90 3.01 9.35
CA MET A 47 3.94 2.68 8.41
C MET A 47 3.85 3.35 7.04
N TRP A 48 5.00 3.39 6.35
CA TRP A 48 5.10 3.95 5.00
C TRP A 48 5.76 2.93 4.05
N LEU A 49 5.00 2.43 3.06
CA LEU A 49 5.42 1.31 2.19
C LEU A 49 5.38 1.77 0.73
N LYS A 50 6.09 1.09 -0.18
CA LYS A 50 6.34 1.63 -1.53
C LYS A 50 5.94 0.67 -2.67
N PRO A 51 4.64 0.59 -3.05
CA PRO A 51 4.20 -0.14 -4.23
C PRO A 51 4.49 0.67 -5.51
N THR A 52 4.17 0.10 -6.68
CA THR A 52 4.40 0.64 -8.03
C THR A 52 3.33 0.08 -8.96
N VAL A 53 3.07 0.71 -10.10
CA VAL A 53 1.97 0.37 -11.01
C VAL A 53 1.95 -1.11 -11.43
N ASN A 54 3.13 -1.66 -11.72
CA ASN A 54 3.33 -3.07 -12.11
C ASN A 54 3.30 -4.04 -10.91
N GLU A 55 3.15 -3.53 -9.70
CA GLU A 55 3.70 -4.14 -8.49
C GLU A 55 2.75 -4.06 -7.29
N VAL A 56 3.27 -4.45 -6.14
CA VAL A 56 2.61 -4.58 -4.84
C VAL A 56 3.68 -4.39 -3.74
N ALA A 57 3.30 -4.08 -2.50
CA ALA A 57 4.21 -3.97 -1.36
C ALA A 57 3.56 -4.56 -0.09
N ARG A 58 4.26 -5.44 0.65
CA ARG A 58 3.79 -5.91 1.97
C ARG A 58 4.35 -5.01 3.06
N CYS A 59 3.50 -4.63 4.00
CA CYS A 59 3.89 -4.09 5.29
C CYS A 59 4.83 -5.05 6.03
N TRP A 60 5.64 -4.53 6.94
CA TRP A 60 6.35 -5.38 7.90
C TRP A 60 5.53 -5.58 9.19
N GLU A 61 4.52 -4.75 9.42
CA GLU A 61 3.71 -4.75 10.65
C GLU A 61 2.51 -5.70 10.49
N CYS A 62 1.28 -5.23 10.21
CA CYS A 62 0.07 -6.06 10.06
C CYS A 62 0.10 -7.10 8.92
N GLY A 63 1.13 -7.04 8.06
CA GLY A 63 1.38 -7.89 6.92
C GLY A 63 0.28 -7.85 5.87
N SER A 64 -0.49 -6.77 5.75
CA SER A 64 -1.24 -6.59 4.51
C SER A 64 -0.27 -6.30 3.35
N VAL A 65 -0.68 -6.71 2.15
CA VAL A 65 -0.03 -6.34 0.90
C VAL A 65 -0.88 -5.23 0.33
N TYR A 66 -0.25 -4.23 -0.26
CA TYR A 66 -0.87 -3.03 -0.82
C TYR A 66 -0.49 -2.89 -2.29
N LYS A 67 -1.44 -2.48 -3.11
CA LYS A 67 -1.26 -2.38 -4.54
C LYS A 67 -1.50 -0.97 -5.05
N LEU A 68 -0.72 -0.62 -6.08
CA LEU A 68 -0.85 0.63 -6.77
C LEU A 68 -1.56 0.41 -8.10
N ASN A 69 -2.22 1.48 -8.53
CA ASN A 69 -2.99 1.51 -9.78
C ASN A 69 -2.35 2.43 -10.85
N PRO A 70 -2.60 2.20 -12.16
CA PRO A 70 -2.01 2.93 -13.30
C PRO A 70 -2.50 4.37 -13.51
N VAL A 71 -3.46 4.76 -12.68
CA VAL A 71 -4.10 6.07 -12.61
C VAL A 71 -3.08 7.22 -12.74
N GLY A 72 -3.43 8.25 -13.50
CA GLY A 72 -2.52 9.32 -13.86
C GLY A 72 -3.24 10.41 -14.63
N MET A 19 0.20 -10.59 -3.35
CA MET A 19 0.79 -10.06 -4.58
C MET A 19 -0.06 -10.15 -5.84
N LYS A 20 -1.32 -9.87 -5.66
CA LYS A 20 -2.24 -9.50 -6.71
C LYS A 20 -2.64 -8.05 -6.46
N ASP A 21 -3.93 -7.87 -6.23
CA ASP A 21 -4.57 -6.62 -5.99
C ASP A 21 -5.42 -6.81 -4.69
N PRO A 22 -4.75 -6.66 -3.52
CA PRO A 22 -5.24 -6.94 -2.15
C PRO A 22 -5.96 -5.76 -1.52
N ILE A 23 -5.31 -4.61 -1.62
CA ILE A 23 -5.56 -3.32 -1.02
C ILE A 23 -5.09 -2.34 -2.08
N ILE A 24 -5.83 -1.26 -2.23
CA ILE A 24 -5.62 -0.24 -3.24
C ILE A 24 -5.09 1.03 -2.62
N ILE A 25 -4.16 1.67 -3.31
CA ILE A 25 -3.61 3.00 -3.01
C ILE A 25 -3.64 3.87 -4.25
N GLU A 26 -4.51 4.87 -4.24
CA GLU A 26 -4.69 5.88 -5.28
C GLU A 26 -3.46 6.75 -5.45
N SER A 27 -3.12 7.00 -6.71
CA SER A 27 -1.96 7.77 -7.11
C SER A 27 -2.06 8.15 -8.57
N TYR A 28 -1.78 9.41 -8.93
CA TYR A 28 -1.58 9.79 -10.34
C TYR A 28 -0.11 9.58 -10.76
N ASP A 29 0.76 9.20 -9.80
CA ASP A 29 2.13 8.73 -10.00
C ASP A 29 2.18 7.20 -10.05
N ASP A 30 3.22 6.66 -10.68
CA ASP A 30 3.47 5.22 -10.86
C ASP A 30 3.93 4.51 -9.56
N TYR A 31 4.53 5.23 -8.60
CA TYR A 31 5.30 4.66 -7.48
C TYR A 31 4.99 5.27 -6.08
N ARG A 32 4.04 6.20 -5.98
CA ARG A 32 3.67 6.93 -4.75
C ARG A 32 3.54 5.99 -3.53
N TYR A 33 4.15 6.38 -2.41
CA TYR A 33 4.16 5.58 -1.17
C TYR A 33 2.84 5.65 -0.37
N VAL A 34 2.54 4.59 0.39
CA VAL A 34 1.39 4.50 1.30
C VAL A 34 1.80 4.71 2.76
N GLY A 35 0.93 5.36 3.52
CA GLY A 35 0.94 5.40 5.00
C GLY A 35 -0.10 4.47 5.64
N CYS A 36 0.22 3.20 5.92
CA CYS A 36 -0.60 2.32 6.75
C CYS A 36 -0.09 2.24 8.20
N THR A 37 -1.07 2.16 9.12
CA THR A 37 -0.84 1.95 10.55
C THR A 37 -1.39 0.61 11.02
N GLY A 38 -1.53 -0.35 10.11
CA GLY A 38 -2.12 -1.65 10.42
C GLY A 38 -3.51 -1.84 9.87
N SER A 39 -4.08 -2.91 10.39
CA SER A 39 -5.50 -3.07 10.56
C SER A 39 -6.19 -1.74 10.98
N PRO A 40 -7.38 -1.43 10.43
CA PRO A 40 -7.91 -0.06 10.30
C PRO A 40 -8.12 0.73 11.59
N ALA A 41 -8.09 0.08 12.75
CA ALA A 41 -8.31 0.71 14.05
C ALA A 41 -7.02 1.31 14.66
N GLY A 42 -5.91 1.30 13.90
CA GLY A 42 -4.60 1.76 14.35
C GLY A 42 -3.92 0.67 15.17
N SER A 43 -3.30 -0.30 14.50
CA SER A 43 -2.57 -1.36 15.20
C SER A 43 -1.17 -0.91 15.60
N HIS A 44 -0.34 -0.65 14.60
CA HIS A 44 1.10 -0.53 14.77
C HIS A 44 1.59 0.93 14.82
N THR A 45 2.85 1.16 14.43
CA THR A 45 3.36 2.47 14.05
C THR A 45 2.74 2.89 12.72
N ILE A 46 3.40 3.74 11.97
CA ILE A 46 3.12 4.10 10.60
C ILE A 46 4.27 3.68 9.70
N MET A 47 3.91 3.19 8.53
CA MET A 47 4.83 2.67 7.56
C MET A 47 4.71 3.29 6.18
N TRP A 48 5.76 3.17 5.37
CA TRP A 48 5.91 3.94 4.12
C TRP A 48 6.15 3.06 2.88
N LEU A 49 5.13 2.27 2.49
CA LEU A 49 5.31 1.16 1.53
C LEU A 49 5.16 1.69 0.10
N LYS A 50 5.69 1.02 -0.92
CA LYS A 50 5.83 1.59 -2.28
C LYS A 50 5.22 0.66 -3.35
N PRO A 51 3.87 0.65 -3.49
CA PRO A 51 3.11 -0.47 -4.06
C PRO A 51 2.88 -0.43 -5.59
N THR A 52 3.87 0.09 -6.35
CA THR A 52 3.94 0.52 -7.76
C THR A 52 2.81 0.06 -8.70
N VAL A 53 2.41 0.91 -9.64
CA VAL A 53 1.42 0.53 -10.68
C VAL A 53 1.85 -0.73 -11.45
N ASN A 54 3.17 -0.88 -11.64
CA ASN A 54 3.84 -2.04 -12.24
C ASN A 54 3.98 -3.25 -11.31
N GLU A 55 3.72 -3.10 -10.01
CA GLU A 55 4.12 -4.03 -8.97
C GLU A 55 3.05 -4.15 -7.88
N VAL A 56 3.51 -4.26 -6.63
CA VAL A 56 2.89 -4.45 -5.35
C VAL A 56 3.93 -4.03 -4.29
N ALA A 57 3.55 -3.88 -3.02
CA ALA A 57 4.50 -3.83 -1.89
C ALA A 57 3.88 -4.40 -0.61
N ARG A 58 4.68 -5.10 0.20
CA ARG A 58 4.26 -5.65 1.49
C ARG A 58 4.73 -4.79 2.65
N CYS A 59 3.89 -4.67 3.66
CA CYS A 59 4.27 -4.25 4.98
C CYS A 59 5.24 -5.25 5.63
N TRP A 60 6.04 -4.74 6.56
CA TRP A 60 6.77 -5.56 7.51
C TRP A 60 6.07 -5.58 8.88
N GLU A 61 5.20 -4.60 9.15
CA GLU A 61 4.47 -4.47 10.41
C GLU A 61 3.25 -5.43 10.33
N CYS A 62 2.11 -4.96 9.80
CA CYS A 62 0.90 -5.77 9.69
C CYS A 62 0.95 -6.90 8.64
N GLY A 63 1.96 -6.88 7.76
CA GLY A 63 2.30 -7.99 6.85
C GLY A 63 1.38 -8.13 5.63
N SER A 64 0.45 -7.19 5.44
CA SER A 64 -0.41 -7.07 4.28
C SER A 64 0.39 -6.67 3.04
N VAL A 65 0.13 -7.29 1.89
CA VAL A 65 0.50 -6.68 0.61
C VAL A 65 -0.54 -5.62 0.24
N TYR A 66 -0.07 -4.59 -0.46
CA TYR A 66 -0.79 -3.46 -1.04
C TYR A 66 -0.42 -3.32 -2.50
N LYS A 67 -1.31 -2.73 -3.31
CA LYS A 67 -1.06 -2.49 -4.71
C LYS A 67 -1.52 -1.10 -5.17
N LEU A 68 -0.93 -0.65 -6.27
CA LEU A 68 -1.21 0.67 -6.83
C LEU A 68 -1.94 0.58 -8.15
N ASN A 69 -2.79 1.57 -8.37
CA ASN A 69 -3.73 1.58 -9.48
C ASN A 69 -3.26 2.46 -10.67
N PRO A 70 -3.72 2.17 -11.91
CA PRO A 70 -3.35 2.88 -13.14
C PRO A 70 -3.93 4.28 -13.27
N VAL A 71 -4.77 4.67 -12.31
CA VAL A 71 -5.42 5.97 -12.18
C VAL A 71 -4.46 7.13 -12.46
N GLY A 72 -4.93 8.20 -13.11
CA GLY A 72 -4.11 9.31 -13.49
C GLY A 72 -4.93 10.58 -13.72
N MET A 19 -0.75 -10.65 -3.82
CA MET A 19 -0.20 -9.89 -4.92
C MET A 19 -1.08 -9.63 -6.15
N LYS A 20 -2.23 -10.28 -6.21
CA LYS A 20 -3.24 -10.00 -7.23
C LYS A 20 -3.83 -8.59 -7.14
N ASP A 21 -4.46 -8.32 -6.00
CA ASP A 21 -5.59 -7.40 -5.78
C ASP A 21 -6.11 -7.53 -4.30
N PRO A 22 -5.33 -7.02 -3.34
CA PRO A 22 -5.59 -7.12 -1.90
C PRO A 22 -6.28 -5.88 -1.31
N ILE A 23 -5.72 -4.74 -1.67
CA ILE A 23 -5.88 -3.38 -1.18
C ILE A 23 -5.39 -2.50 -2.32
N ILE A 24 -6.01 -1.34 -2.49
CA ILE A 24 -5.68 -0.38 -3.55
C ILE A 24 -5.22 0.93 -2.93
N ILE A 25 -4.19 1.51 -3.54
CA ILE A 25 -3.56 2.77 -3.16
C ILE A 25 -3.50 3.63 -4.42
N GLU A 26 -3.61 4.93 -4.26
CA GLU A 26 -3.53 5.90 -5.33
C GLU A 26 -2.22 6.71 -5.23
N SER A 27 -1.93 7.48 -6.28
CA SER A 27 -0.69 8.26 -6.36
C SER A 27 -0.76 9.42 -7.32
N TYR A 28 -1.33 9.20 -8.51
CA TYR A 28 -1.32 10.17 -9.62
C TYR A 28 0.13 10.37 -10.12
N ASP A 29 0.90 9.27 -10.15
CA ASP A 29 2.25 9.15 -10.72
C ASP A 29 2.39 7.76 -11.38
N ASP A 30 2.75 6.73 -10.59
CA ASP A 30 3.01 5.32 -10.94
C ASP A 30 3.50 4.56 -9.69
N TYR A 31 4.35 5.17 -8.87
CA TYR A 31 5.12 4.50 -7.80
C TYR A 31 4.79 4.95 -6.37
N ARG A 32 4.85 6.28 -6.15
CA ARG A 32 4.93 7.03 -4.88
C ARG A 32 5.14 6.14 -3.63
N TYR A 33 4.16 6.06 -2.72
CA TYR A 33 4.22 5.29 -1.48
C TYR A 33 2.82 5.08 -0.87
N VAL A 34 2.72 4.08 0.01
CA VAL A 34 1.57 3.88 0.92
C VAL A 34 2.01 4.10 2.36
N GLY A 35 1.18 4.79 3.14
CA GLY A 35 1.34 4.98 4.58
C GLY A 35 0.23 4.30 5.37
N CYS A 36 0.40 3.01 5.72
CA CYS A 36 -0.59 2.28 6.51
C CYS A 36 -0.24 2.23 8.01
N THR A 37 -1.32 2.24 8.79
CA THR A 37 -1.29 2.03 10.23
C THR A 37 -1.97 0.73 10.63
N GLY A 38 -2.20 -0.20 9.69
CA GLY A 38 -3.00 -1.39 9.91
C GLY A 38 -4.17 -1.47 8.96
N SER A 39 -5.35 -1.73 9.53
CA SER A 39 -6.55 -2.01 8.73
C SER A 39 -7.86 -1.76 9.48
N PRO A 40 -8.12 -2.32 10.69
CA PRO A 40 -9.23 -1.89 11.53
C PRO A 40 -8.84 -0.60 12.28
N ALA A 41 -8.37 0.40 11.52
CA ALA A 41 -8.16 1.80 11.95
C ALA A 41 -7.04 1.98 13.00
N GLY A 42 -5.84 2.38 12.55
CA GLY A 42 -4.74 2.72 13.48
C GLY A 42 -4.25 1.52 14.31
N SER A 43 -4.34 0.32 13.74
CA SER A 43 -4.17 -0.97 14.45
C SER A 43 -2.80 -1.08 15.11
N HIS A 44 -1.73 -0.72 14.39
CA HIS A 44 -0.35 -0.71 14.85
C HIS A 44 0.16 0.74 15.04
N THR A 45 1.43 1.02 14.72
CA THR A 45 1.96 2.37 14.51
C THR A 45 1.78 2.77 13.04
N ILE A 46 2.72 3.47 12.42
CA ILE A 46 2.80 3.85 11.00
C ILE A 46 4.05 3.38 10.24
N MET A 47 3.77 2.82 9.05
CA MET A 47 4.65 2.18 8.11
C MET A 47 4.52 2.73 6.70
N TRP A 48 5.62 2.71 5.95
CA TRP A 48 5.72 3.32 4.62
C TRP A 48 6.26 2.30 3.60
N LEU A 49 5.49 1.98 2.55
CA LEU A 49 5.86 0.99 1.52
C LEU A 49 5.76 1.60 0.11
N LYS A 50 6.38 0.97 -0.89
CA LYS A 50 6.31 1.39 -2.31
C LYS A 50 5.51 0.39 -3.17
N PRO A 51 4.17 0.55 -3.33
CA PRO A 51 3.38 -0.50 -3.94
C PRO A 51 3.53 -0.55 -5.48
N THR A 52 3.50 0.59 -6.17
CA THR A 52 3.60 0.81 -7.63
C THR A 52 2.36 0.26 -8.35
N VAL A 53 1.94 0.94 -9.42
CA VAL A 53 0.91 0.42 -10.32
C VAL A 53 1.41 -0.88 -10.98
N ASN A 54 2.68 -0.88 -11.35
CA ASN A 54 3.44 -2.01 -11.85
C ASN A 54 3.65 -3.11 -10.83
N GLU A 55 3.54 -2.84 -9.52
CA GLU A 55 4.07 -3.80 -8.54
C GLU A 55 3.08 -4.01 -7.41
N VAL A 56 3.62 -4.52 -6.31
CA VAL A 56 2.97 -4.77 -5.04
C VAL A 56 4.00 -4.54 -3.93
N ALA A 57 3.56 -4.23 -2.71
CA ALA A 57 4.42 -4.20 -1.52
C ALA A 57 3.72 -4.78 -0.29
N ARG A 58 4.42 -5.59 0.51
CA ARG A 58 3.90 -6.07 1.79
C ARG A 58 4.43 -5.22 2.94
N CYS A 59 3.54 -4.92 3.87
CA CYS A 59 3.86 -4.50 5.22
C CYS A 59 4.64 -5.59 5.97
N TRP A 60 5.37 -5.12 6.98
CA TRP A 60 6.02 -5.96 7.97
C TRP A 60 5.21 -6.05 9.28
N GLU A 61 4.25 -5.14 9.48
CA GLU A 61 3.54 -4.87 10.73
C GLU A 61 2.16 -5.59 10.70
N CYS A 62 1.09 -5.02 10.11
CA CYS A 62 -0.16 -5.75 9.90
C CYS A 62 -0.01 -6.89 8.86
N GLY A 63 1.03 -6.81 8.01
CA GLY A 63 1.32 -7.82 6.99
C GLY A 63 0.39 -7.75 5.78
N SER A 64 -0.33 -6.65 5.56
CA SER A 64 -1.06 -6.52 4.29
C SER A 64 -0.11 -6.41 3.12
N VAL A 65 -0.53 -7.01 2.02
CA VAL A 65 0.04 -6.68 0.71
C VAL A 65 -0.86 -5.59 0.14
N TYR A 66 -0.25 -4.58 -0.45
CA TYR A 66 -0.90 -3.43 -1.06
C TYR A 66 -0.54 -3.36 -2.53
N LYS A 67 -1.52 -3.06 -3.38
CA LYS A 67 -1.26 -2.64 -4.74
C LYS A 67 -1.50 -1.14 -4.88
N LEU A 68 -0.77 -0.49 -5.80
CA LEU A 68 -1.21 0.78 -6.33
C LEU A 68 -2.17 0.53 -7.51
N ASN A 69 -2.49 1.60 -8.20
CA ASN A 69 -3.46 1.69 -9.28
C ASN A 69 -2.97 2.69 -10.34
N PRO A 70 -3.63 2.72 -11.51
CA PRO A 70 -3.15 3.36 -12.73
C PRO A 70 -3.55 4.83 -12.87
N VAL A 71 -4.24 5.26 -11.84
CA VAL A 71 -4.76 6.57 -11.50
C VAL A 71 -3.78 7.72 -11.81
N GLY A 72 -4.32 8.85 -12.26
CA GLY A 72 -3.65 9.98 -12.87
C GLY A 72 -4.68 11.09 -13.12
N MET A 19 -0.11 -10.40 -3.12
CA MET A 19 0.61 -9.87 -4.27
C MET A 19 -0.03 -9.92 -5.65
N LYS A 20 -1.34 -10.01 -5.70
CA LYS A 20 -2.09 -9.82 -6.94
C LYS A 20 -2.45 -8.35 -7.14
N ASP A 21 -3.24 -7.87 -6.18
CA ASP A 21 -4.05 -6.65 -6.16
C ASP A 21 -5.02 -6.72 -4.94
N PRO A 22 -4.46 -6.67 -3.71
CA PRO A 22 -5.08 -6.94 -2.42
C PRO A 22 -5.90 -5.76 -1.88
N ILE A 23 -5.17 -4.73 -1.45
CA ILE A 23 -5.57 -3.42 -0.98
C ILE A 23 -5.08 -2.46 -2.04
N ILE A 24 -5.85 -1.41 -2.25
CA ILE A 24 -5.60 -0.42 -3.29
C ILE A 24 -5.07 0.88 -2.71
N ILE A 25 -4.16 1.50 -3.45
CA ILE A 25 -3.68 2.87 -3.27
C ILE A 25 -3.84 3.63 -4.57
N GLU A 26 -4.71 4.63 -4.55
CA GLU A 26 -4.91 5.59 -5.64
C GLU A 26 -3.69 6.48 -5.86
N SER A 27 -3.37 6.70 -7.14
CA SER A 27 -2.12 7.31 -7.54
C SER A 27 -2.20 7.88 -8.95
N TYR A 28 -2.04 9.19 -9.13
CA TYR A 28 -1.84 9.77 -10.46
C TYR A 28 -0.34 9.79 -10.86
N ASP A 29 0.54 9.13 -10.09
CA ASP A 29 2.01 9.17 -10.22
C ASP A 29 2.61 7.88 -10.86
N ASP A 30 2.38 6.73 -10.19
CA ASP A 30 2.94 5.36 -10.30
C ASP A 30 3.60 4.98 -8.95
N TYR A 31 4.44 5.86 -8.40
CA TYR A 31 5.32 5.56 -7.27
C TYR A 31 4.65 5.78 -5.89
N ARG A 32 3.40 6.26 -5.87
CA ARG A 32 2.72 6.85 -4.71
C ARG A 32 2.76 5.94 -3.47
N TYR A 33 3.32 6.44 -2.37
CA TYR A 33 3.66 5.63 -1.19
C TYR A 33 2.47 5.37 -0.22
N VAL A 34 2.62 4.39 0.67
CA VAL A 34 1.64 3.98 1.71
C VAL A 34 1.95 4.59 3.06
N GLY A 35 0.92 5.06 3.75
CA GLY A 35 0.94 5.40 5.19
C GLY A 35 0.02 4.50 5.99
N CYS A 36 0.36 3.21 6.12
CA CYS A 36 -0.42 2.23 6.88
C CYS A 36 -0.11 2.30 8.39
N THR A 37 -1.19 2.29 9.20
CA THR A 37 -1.13 2.11 10.67
C THR A 37 -1.76 0.82 11.15
N GLY A 38 -1.80 -0.22 10.31
CA GLY A 38 -2.40 -1.51 10.70
C GLY A 38 -3.89 -1.49 10.50
N SER A 39 -4.32 -1.40 9.24
CA SER A 39 -5.74 -1.33 8.88
C SER A 39 -6.37 0.03 9.32
N PRO A 40 -7.62 0.38 8.99
CA PRO A 40 -8.13 1.75 9.21
C PRO A 40 -8.41 2.09 10.68
N ALA A 41 -8.35 1.12 11.60
CA ALA A 41 -8.71 1.29 13.01
C ALA A 41 -7.51 1.52 13.96
N GLY A 42 -6.30 1.63 13.41
CA GLY A 42 -5.06 1.94 14.14
C GLY A 42 -4.58 0.77 15.00
N SER A 43 -3.88 -0.19 14.39
CA SER A 43 -3.47 -1.41 15.10
C SER A 43 -1.99 -1.42 15.52
N HIS A 44 -1.10 -0.85 14.71
CA HIS A 44 0.34 -0.83 14.99
C HIS A 44 0.89 0.60 15.02
N THR A 45 2.19 0.82 14.74
CA THR A 45 2.75 2.18 14.50
C THR A 45 2.30 2.74 13.15
N ILE A 46 3.05 3.64 12.55
CA ILE A 46 2.97 4.04 11.15
C ILE A 46 4.19 3.53 10.40
N MET A 47 4.02 3.20 9.12
CA MET A 47 5.09 2.67 8.27
C MET A 47 4.85 2.93 6.79
N TRP A 48 5.92 2.80 5.96
CA TRP A 48 5.94 3.36 4.60
C TRP A 48 6.33 2.34 3.53
N LEU A 49 5.49 2.22 2.49
CA LEU A 49 5.64 1.21 1.42
C LEU A 49 5.51 1.84 0.03
N LYS A 50 6.05 1.17 -1.00
CA LYS A 50 6.05 1.60 -2.42
C LYS A 50 5.26 0.62 -3.34
N PRO A 51 3.92 0.72 -3.43
CA PRO A 51 3.04 -0.31 -4.00
C PRO A 51 2.92 -0.30 -5.56
N THR A 52 3.94 0.17 -6.28
CA THR A 52 4.07 0.63 -7.70
C THR A 52 3.00 0.13 -8.68
N VAL A 53 2.66 0.90 -9.71
CA VAL A 53 1.71 0.43 -10.74
C VAL A 53 2.22 -0.85 -11.43
N ASN A 54 3.56 -0.96 -11.56
CA ASN A 54 4.33 -2.09 -12.06
C ASN A 54 4.42 -3.28 -11.08
N GLU A 55 4.01 -3.09 -9.82
CA GLU A 55 4.39 -3.95 -8.71
C GLU A 55 3.24 -4.10 -7.70
N VAL A 56 3.63 -4.24 -6.44
CA VAL A 56 2.94 -4.41 -5.18
C VAL A 56 3.93 -3.99 -4.08
N ALA A 57 3.50 -3.86 -2.82
CA ALA A 57 4.41 -3.79 -1.67
C ALA A 57 3.81 -4.45 -0.43
N ARG A 58 4.66 -5.11 0.37
CA ARG A 58 4.31 -5.82 1.59
C ARG A 58 4.65 -4.96 2.81
N CYS A 59 3.74 -4.92 3.78
CA CYS A 59 4.05 -4.48 5.13
C CYS A 59 4.97 -5.47 5.89
N TRP A 60 5.50 -4.99 7.02
CA TRP A 60 6.25 -5.77 7.99
C TRP A 60 5.61 -5.70 9.39
N GLU A 61 4.65 -4.80 9.62
CA GLU A 61 4.04 -4.57 10.94
C GLU A 61 2.74 -5.40 11.09
N CYS A 62 1.74 -5.15 10.23
CA CYS A 62 0.57 -5.99 10.04
C CYS A 62 0.72 -6.98 8.85
N GLY A 63 1.70 -6.74 7.97
CA GLY A 63 2.05 -7.65 6.87
C GLY A 63 1.04 -7.67 5.72
N SER A 64 0.16 -6.67 5.61
CA SER A 64 -0.74 -6.56 4.45
C SER A 64 0.08 -6.22 3.21
N VAL A 65 -0.06 -7.00 2.14
CA VAL A 65 0.37 -6.50 0.82
C VAL A 65 -0.65 -5.51 0.30
N TYR A 66 -0.16 -4.52 -0.43
CA TYR A 66 -0.83 -3.40 -1.08
C TYR A 66 -0.45 -3.33 -2.55
N LYS A 67 -1.32 -2.78 -3.38
CA LYS A 67 -1.04 -2.55 -4.78
C LYS A 67 -1.59 -1.22 -5.30
N LEU A 68 -0.98 -0.75 -6.39
CA LEU A 68 -1.29 0.54 -6.97
C LEU A 68 -1.92 0.44 -8.34
N ASN A 69 -2.84 1.36 -8.59
CA ASN A 69 -3.70 1.32 -9.76
C ASN A 69 -3.19 2.27 -10.88
N PRO A 70 -3.54 2.02 -12.16
CA PRO A 70 -3.06 2.75 -13.36
C PRO A 70 -3.68 4.13 -13.58
N VAL A 71 -4.63 4.48 -12.73
CA VAL A 71 -5.38 5.73 -12.67
C VAL A 71 -4.52 6.99 -12.90
N GLY A 72 -5.09 8.04 -13.49
CA GLY A 72 -4.44 9.32 -13.69
C GLY A 72 -5.47 10.43 -13.82
N MET A 19 -0.78 -10.56 -3.04
CA MET A 19 -0.12 -10.06 -4.26
C MET A 19 -0.92 -10.02 -5.56
N LYS A 20 -2.22 -10.07 -5.41
CA LYS A 20 -3.15 -9.57 -6.40
C LYS A 20 -3.43 -8.08 -6.11
N ASP A 21 -4.70 -7.81 -5.94
CA ASP A 21 -5.33 -6.56 -5.65
C ASP A 21 -6.10 -6.72 -4.31
N PRO A 22 -5.42 -6.44 -3.18
CA PRO A 22 -5.89 -6.55 -1.81
C PRO A 22 -6.54 -5.26 -1.30
N ILE A 23 -5.87 -4.16 -1.65
CA ILE A 23 -6.03 -2.79 -1.20
C ILE A 23 -5.47 -1.97 -2.34
N ILE A 24 -6.14 -0.87 -2.61
CA ILE A 24 -5.80 0.07 -3.67
C ILE A 24 -5.25 1.34 -3.05
N ILE A 25 -4.18 1.83 -3.66
CA ILE A 25 -3.47 3.07 -3.35
C ILE A 25 -3.28 3.82 -4.65
N GLU A 26 -3.97 4.95 -4.76
CA GLU A 26 -3.82 5.92 -5.83
C GLU A 26 -2.41 6.54 -5.79
N SER A 27 -2.11 7.32 -6.81
CA SER A 27 -0.76 7.75 -7.06
C SER A 27 -0.66 9.01 -7.90
N TYR A 28 -1.26 8.95 -9.08
CA TYR A 28 -1.09 9.88 -10.19
C TYR A 28 0.37 9.86 -10.73
N ASP A 29 1.02 8.70 -10.54
CA ASP A 29 2.44 8.35 -10.82
C ASP A 29 2.65 6.84 -10.71
N ASP A 30 3.73 6.30 -11.28
CA ASP A 30 3.93 4.84 -11.38
C ASP A 30 4.54 4.17 -10.13
N TYR A 31 4.78 4.90 -9.02
CA TYR A 31 5.74 4.51 -7.95
C TYR A 31 5.54 5.25 -6.60
N ARG A 32 4.28 5.54 -6.24
CA ARG A 32 3.92 6.31 -5.03
C ARG A 32 3.93 5.47 -3.73
N TYR A 33 3.32 5.97 -2.65
CA TYR A 33 3.40 5.37 -1.31
C TYR A 33 2.08 5.40 -0.53
N VAL A 34 1.96 4.50 0.44
CA VAL A 34 0.86 4.39 1.42
C VAL A 34 1.37 4.53 2.84
N GLY A 35 0.55 5.06 3.76
CA GLY A 35 0.70 4.82 5.19
C GLY A 35 -0.51 4.12 5.81
N CYS A 36 -0.31 2.96 6.43
CA CYS A 36 -1.30 2.29 7.25
C CYS A 36 -0.93 2.19 8.74
N THR A 37 -1.99 2.14 9.55
CA THR A 37 -1.93 1.84 10.98
C THR A 37 -2.45 0.44 11.29
N GLY A 38 -2.14 -0.51 10.41
CA GLY A 38 -2.61 -1.89 10.52
C GLY A 38 -3.81 -2.21 9.67
N SER A 39 -4.04 -1.41 8.61
CA SER A 39 -5.34 -1.11 7.97
C SER A 39 -5.97 0.14 8.64
N PRO A 40 -7.13 0.67 8.16
CA PRO A 40 -7.93 1.67 8.89
C PRO A 40 -8.45 1.19 10.25
N ALA A 41 -8.52 -0.13 10.51
CA ALA A 41 -8.97 -0.66 11.79
C ALA A 41 -7.83 -0.74 12.83
N GLY A 42 -7.15 0.39 13.04
CA GLY A 42 -6.42 0.76 14.26
C GLY A 42 -5.68 -0.37 14.96
N SER A 43 -4.74 -1.01 14.27
CA SER A 43 -4.16 -2.29 14.70
C SER A 43 -2.66 -2.23 15.05
N HIS A 44 -1.90 -1.22 14.59
CA HIS A 44 -0.51 -1.01 15.04
C HIS A 44 -0.09 0.49 15.07
N THR A 45 1.22 0.77 15.03
CA THR A 45 1.81 2.12 14.82
C THR A 45 1.49 2.64 13.42
N ILE A 46 2.17 3.66 12.95
CA ILE A 46 2.18 4.08 11.54
C ILE A 46 3.49 3.63 10.86
N MET A 47 3.40 3.28 9.59
CA MET A 47 4.52 2.89 8.73
C MET A 47 4.21 3.24 7.26
N TRP A 48 5.17 3.11 6.34
CA TRP A 48 5.02 3.63 4.97
C TRP A 48 5.56 2.67 3.90
N LEU A 49 4.76 2.36 2.86
CA LEU A 49 5.08 1.34 1.85
C LEU A 49 5.01 1.91 0.44
N LYS A 50 5.76 1.33 -0.50
CA LYS A 50 5.77 1.77 -1.91
C LYS A 50 5.44 0.62 -2.89
N PRO A 51 4.20 0.54 -3.41
CA PRO A 51 3.90 -0.26 -4.59
C PRO A 51 4.29 0.53 -5.86
N THR A 52 4.27 -0.18 -7.01
CA THR A 52 4.57 0.32 -8.36
C THR A 52 3.37 0.03 -9.25
N VAL A 53 3.15 0.75 -10.34
CA VAL A 53 2.05 0.51 -11.29
C VAL A 53 1.96 -0.96 -11.76
N ASN A 54 3.10 -1.63 -11.94
CA ASN A 54 3.18 -3.05 -12.32
C ASN A 54 3.21 -4.01 -11.13
N GLU A 55 3.20 -3.51 -9.88
CA GLU A 55 3.65 -4.26 -8.71
C GLU A 55 2.87 -3.98 -7.43
N VAL A 56 3.24 -4.73 -6.39
CA VAL A 56 2.61 -4.83 -5.08
C VAL A 56 3.64 -4.53 -3.98
N ALA A 57 3.20 -4.07 -2.81
CA ALA A 57 4.04 -3.87 -1.63
C ALA A 57 3.37 -4.47 -0.38
N ARG A 58 4.15 -5.12 0.50
CA ARG A 58 3.63 -5.69 1.74
C ARG A 58 4.15 -4.96 2.96
N CYS A 59 3.29 -4.81 3.97
CA CYS A 59 3.66 -4.40 5.30
C CYS A 59 4.66 -5.35 6.00
N TRP A 60 5.36 -4.80 6.98
CA TRP A 60 6.18 -5.53 7.94
C TRP A 60 5.54 -5.58 9.33
N GLU A 61 4.54 -4.73 9.60
CA GLU A 61 3.89 -4.59 10.90
C GLU A 61 2.66 -5.53 11.00
N CYS A 62 1.60 -5.25 10.22
CA CYS A 62 0.42 -6.09 10.05
C CYS A 62 0.52 -7.10 8.88
N GLY A 63 1.51 -6.97 7.99
CA GLY A 63 1.72 -7.89 6.87
C GLY A 63 0.68 -7.84 5.76
N SER A 64 -0.20 -6.84 5.69
CA SER A 64 -1.11 -6.73 4.54
C SER A 64 -0.37 -6.27 3.29
N VAL A 65 -0.62 -6.91 2.15
CA VAL A 65 -0.22 -6.37 0.85
C VAL A 65 -1.16 -5.23 0.44
N TYR A 66 -0.62 -4.29 -0.33
CA TYR A 66 -1.19 -3.08 -0.89
C TYR A 66 -0.70 -2.91 -2.33
N LYS A 67 -1.56 -2.44 -3.23
CA LYS A 67 -1.22 -2.36 -4.65
C LYS A 67 -1.44 -0.98 -5.25
N LEU A 68 -0.69 -0.65 -6.31
CA LEU A 68 -0.87 0.61 -7.03
C LEU A 68 -1.78 0.47 -8.25
N ASN A 69 -2.67 1.43 -8.43
CA ASN A 69 -3.43 1.62 -9.66
C ASN A 69 -2.83 2.83 -10.43
N PRO A 70 -2.88 2.90 -11.77
CA PRO A 70 -2.19 3.96 -12.54
C PRO A 70 -2.81 5.34 -12.37
N VAL A 71 -4.13 5.35 -12.16
CA VAL A 71 -5.03 6.49 -11.95
C VAL A 71 -4.89 7.67 -12.95
N GLY A 72 -5.50 8.81 -12.59
CA GLY A 72 -5.30 10.10 -13.24
C GLY A 72 -6.12 11.19 -12.58
N MET A 19 -0.45 -10.84 -3.66
CA MET A 19 0.32 -10.21 -4.71
C MET A 19 -0.29 -10.05 -6.11
N LYS A 20 -1.53 -10.49 -6.27
CA LYS A 20 -2.33 -10.16 -7.43
C LYS A 20 -2.65 -8.66 -7.51
N ASP A 21 -3.36 -8.19 -6.49
CA ASP A 21 -4.20 -6.99 -6.43
C ASP A 21 -5.13 -7.01 -5.19
N PRO A 22 -4.55 -6.80 -3.99
CA PRO A 22 -5.14 -7.03 -2.68
C PRO A 22 -5.94 -5.82 -2.15
N ILE A 23 -5.30 -5.01 -1.28
CA ILE A 23 -5.76 -3.72 -0.78
C ILE A 23 -5.27 -2.68 -1.78
N ILE A 24 -6.04 -1.62 -1.94
CA ILE A 24 -5.81 -0.62 -3.00
C ILE A 24 -5.33 0.71 -2.44
N ILE A 25 -4.38 1.35 -3.14
CA ILE A 25 -3.86 2.69 -2.90
C ILE A 25 -3.94 3.50 -4.20
N GLU A 26 -4.60 4.65 -4.15
CA GLU A 26 -4.70 5.62 -5.25
C GLU A 26 -3.43 6.48 -5.34
N SER A 27 -3.02 6.89 -6.54
CA SER A 27 -1.68 7.51 -6.67
C SER A 27 -1.48 8.52 -7.79
N TYR A 28 -1.87 8.19 -9.02
CA TYR A 28 -1.82 9.06 -10.20
C TYR A 28 -0.45 9.28 -10.86
N ASP A 29 0.62 8.84 -10.17
CA ASP A 29 2.03 9.02 -10.53
C ASP A 29 2.79 7.66 -10.54
N ASP A 30 2.07 6.54 -10.69
CA ASP A 30 2.52 5.15 -10.86
C ASP A 30 3.31 4.47 -9.72
N TYR A 31 3.88 5.17 -8.73
CA TYR A 31 4.64 4.54 -7.62
C TYR A 31 4.22 4.99 -6.20
N ARG A 32 4.49 6.24 -5.89
CA ARG A 32 4.22 6.89 -4.58
C ARG A 32 4.93 6.20 -3.39
N TYR A 33 4.56 6.58 -2.17
CA TYR A 33 4.63 5.69 -1.00
C TYR A 33 3.22 5.50 -0.41
N VAL A 34 3.04 4.47 0.42
CA VAL A 34 1.85 4.27 1.25
C VAL A 34 2.22 4.33 2.73
N GLY A 35 1.39 5.00 3.54
CA GLY A 35 1.46 4.94 4.99
C GLY A 35 0.20 4.35 5.59
N CYS A 36 0.31 3.16 6.20
CA CYS A 36 -0.75 2.47 6.96
C CYS A 36 -0.40 2.27 8.45
N THR A 37 -1.46 2.14 9.25
CA THR A 37 -1.38 1.93 10.71
C THR A 37 -2.12 0.70 11.21
N GLY A 38 -2.45 -0.25 10.32
CA GLY A 38 -3.20 -1.44 10.70
C GLY A 38 -4.69 -1.21 10.53
N SER A 39 -5.15 -1.12 9.28
CA SER A 39 -6.55 -0.82 8.95
C SER A 39 -6.90 0.67 9.30
N PRO A 40 -8.11 1.21 9.02
CA PRO A 40 -8.35 2.66 9.10
C PRO A 40 -8.43 3.22 10.53
N ALA A 41 -8.41 2.36 11.56
CA ALA A 41 -8.60 2.76 12.95
C ALA A 41 -7.33 2.79 13.81
N GLY A 42 -6.21 2.33 13.26
CA GLY A 42 -4.95 2.17 13.96
C GLY A 42 -4.93 0.90 14.81
N SER A 43 -4.30 -0.15 14.30
CA SER A 43 -4.07 -1.40 15.06
C SER A 43 -2.62 -1.58 15.50
N HIS A 44 -1.64 -1.13 14.71
CA HIS A 44 -0.22 -1.15 15.08
C HIS A 44 0.37 0.28 15.18
N THR A 45 1.68 0.44 14.97
CA THR A 45 2.31 1.75 14.74
C THR A 45 2.01 2.25 13.33
N ILE A 46 2.93 2.98 12.71
CA ILE A 46 2.97 3.31 11.30
C ILE A 46 4.21 2.72 10.61
N MET A 47 4.06 2.41 9.33
CA MET A 47 5.13 2.03 8.42
C MET A 47 4.97 2.79 7.09
N TRP A 48 5.95 2.70 6.18
CA TRP A 48 5.90 3.36 4.87
C TRP A 48 6.42 2.39 3.79
N LEU A 49 5.63 2.11 2.74
CA LEU A 49 6.02 1.16 1.67
C LEU A 49 6.02 1.85 0.30
N LYS A 50 6.71 1.28 -0.69
CA LYS A 50 6.56 1.69 -2.11
C LYS A 50 5.77 0.60 -2.88
N PRO A 51 4.46 0.77 -3.12
CA PRO A 51 3.79 0.03 -4.18
C PRO A 51 4.18 0.67 -5.52
N THR A 52 3.70 0.14 -6.64
CA THR A 52 3.86 0.70 -7.98
C THR A 52 2.75 0.09 -8.82
N VAL A 53 2.33 0.72 -9.90
CA VAL A 53 1.24 0.25 -10.76
C VAL A 53 1.43 -1.21 -11.23
N ASN A 54 2.68 -1.56 -11.56
CA ASN A 54 3.12 -2.90 -11.96
C ASN A 54 3.37 -3.86 -10.78
N GLU A 55 3.19 -3.41 -9.53
CA GLU A 55 3.79 -4.03 -8.37
C GLU A 55 2.87 -4.04 -7.14
N VAL A 56 3.42 -4.54 -6.04
CA VAL A 56 2.76 -4.80 -4.76
C VAL A 56 3.76 -4.56 -3.61
N ALA A 57 3.28 -4.24 -2.40
CA ALA A 57 4.11 -3.90 -1.25
C ALA A 57 3.56 -4.48 0.06
N ARG A 58 4.37 -5.20 0.85
CA ARG A 58 3.93 -5.85 2.11
C ARG A 58 4.34 -5.06 3.35
N CYS A 59 3.37 -4.88 4.26
CA CYS A 59 3.41 -3.93 5.35
C CYS A 59 4.37 -4.23 6.54
N TRP A 60 4.77 -5.49 6.65
CA TRP A 60 5.57 -6.09 7.73
C TRP A 60 4.95 -6.00 9.14
N GLU A 61 4.00 -5.10 9.42
CA GLU A 61 3.34 -4.93 10.73
C GLU A 61 2.03 -5.74 10.76
N CYS A 62 0.89 -5.15 10.32
CA CYS A 62 -0.36 -5.88 10.05
C CYS A 62 -0.18 -6.91 8.90
N GLY A 63 0.87 -6.76 8.09
CA GLY A 63 1.17 -7.63 6.96
C GLY A 63 0.02 -7.66 5.96
N SER A 64 -0.62 -6.51 5.72
CA SER A 64 -1.30 -6.38 4.44
C SER A 64 -0.28 -6.42 3.31
N VAL A 65 -0.77 -6.75 2.13
CA VAL A 65 -0.06 -6.43 0.89
C VAL A 65 -0.96 -5.43 0.20
N TYR A 66 -0.36 -4.38 -0.34
CA TYR A 66 -1.02 -3.26 -0.99
C TYR A 66 -0.66 -3.22 -2.46
N LYS A 67 -1.64 -2.90 -3.30
CA LYS A 67 -1.41 -2.50 -4.68
C LYS A 67 -1.58 -1.00 -4.86
N LEU A 68 -0.92 -0.53 -5.90
CA LEU A 68 -1.26 0.71 -6.58
C LEU A 68 -2.05 0.41 -7.85
N ASN A 69 -2.85 1.38 -8.26
CA ASN A 69 -3.73 1.28 -9.44
C ASN A 69 -3.27 2.17 -10.61
N PRO A 70 -3.64 1.88 -11.88
CA PRO A 70 -3.22 2.58 -13.12
C PRO A 70 -3.78 4.00 -13.31
N VAL A 71 -4.61 4.40 -12.37
CA VAL A 71 -5.27 5.70 -12.24
C VAL A 71 -4.31 6.89 -12.52
N GLY A 72 -4.85 8.03 -12.98
CA GLY A 72 -4.13 9.27 -13.25
C GLY A 72 -4.98 10.47 -12.87
N MET A 19 -0.11 -10.65 -2.95
CA MET A 19 0.67 -10.21 -4.10
C MET A 19 -0.05 -10.37 -5.42
N LYS A 20 -1.11 -9.59 -5.53
CA LYS A 20 -1.90 -9.46 -6.74
C LYS A 20 -2.44 -8.04 -6.84
N ASP A 21 -3.46 -7.81 -6.03
CA ASP A 21 -4.34 -6.65 -6.05
C ASP A 21 -5.31 -6.74 -4.83
N PRO A 22 -4.77 -6.51 -3.61
CA PRO A 22 -5.41 -6.72 -2.31
C PRO A 22 -6.20 -5.51 -1.79
N ILE A 23 -5.55 -4.35 -1.86
CA ILE A 23 -5.95 -3.03 -1.39
C ILE A 23 -5.47 -2.07 -2.45
N ILE A 24 -6.18 -0.98 -2.66
CA ILE A 24 -5.86 0.00 -3.70
C ILE A 24 -5.35 1.30 -3.10
N ILE A 25 -4.29 1.83 -3.71
CA ILE A 25 -3.79 3.19 -3.54
C ILE A 25 -3.87 3.89 -4.89
N GLU A 26 -4.64 4.98 -4.95
CA GLU A 26 -4.82 5.77 -6.16
C GLU A 26 -3.60 6.66 -6.37
N SER A 27 -2.92 6.49 -7.52
CA SER A 27 -1.58 7.03 -7.68
C SER A 27 -1.35 7.95 -8.87
N TYR A 28 -1.70 7.60 -10.12
CA TYR A 28 -1.44 8.48 -11.30
C TYR A 28 0.09 8.69 -11.53
N ASP A 29 0.89 7.85 -10.88
CA ASP A 29 2.30 7.90 -10.52
C ASP A 29 2.72 6.44 -10.20
N ASP A 30 3.93 5.99 -10.56
CA ASP A 30 4.44 4.61 -10.36
C ASP A 30 5.30 4.44 -9.07
N TYR A 31 5.26 5.40 -8.14
CA TYR A 31 6.36 5.59 -7.16
C TYR A 31 5.93 6.24 -5.82
N ARG A 32 4.62 6.31 -5.58
CA ARG A 32 4.06 6.96 -4.37
C ARG A 32 4.28 6.15 -3.09
N TYR A 33 4.20 6.82 -1.95
CA TYR A 33 4.03 6.16 -0.67
C TYR A 33 2.56 6.10 -0.21
N VAL A 34 2.29 5.21 0.76
CA VAL A 34 1.03 5.02 1.49
C VAL A 34 1.24 5.03 3.00
N GLY A 35 0.25 5.51 3.77
CA GLY A 35 0.19 5.34 5.23
C GLY A 35 -0.78 4.23 5.68
N CYS A 36 -0.25 3.10 6.18
CA CYS A 36 -1.00 2.02 6.82
C CYS A 36 -0.80 1.92 8.35
N THR A 37 -1.88 1.65 9.10
CA THR A 37 -1.86 1.51 10.57
C THR A 37 -2.17 0.13 11.15
N GLY A 38 -2.31 -0.93 10.34
CA GLY A 38 -2.67 -2.26 10.86
C GLY A 38 -4.20 -2.49 10.89
N SER A 39 -4.92 -1.39 10.94
CA SER A 39 -6.35 -1.27 11.24
C SER A 39 -6.71 0.22 11.32
N PRO A 40 -7.96 0.63 11.03
CA PRO A 40 -8.42 2.00 11.31
C PRO A 40 -8.35 2.35 12.80
N ALA A 41 -8.37 1.34 13.69
CA ALA A 41 -8.20 1.51 15.13
C ALA A 41 -6.74 1.45 15.60
N GLY A 42 -5.76 1.45 14.66
CA GLY A 42 -4.33 1.59 14.97
C GLY A 42 -3.71 0.35 15.59
N SER A 43 -3.69 -0.78 14.87
CA SER A 43 -3.25 -2.05 15.46
C SER A 43 -1.75 -2.16 15.72
N HIS A 44 -0.89 -1.57 14.89
CA HIS A 44 0.57 -1.59 15.19
C HIS A 44 1.19 -0.26 15.66
N THR A 45 0.90 0.79 14.90
CA THR A 45 1.54 2.10 14.70
C THR A 45 1.09 2.57 13.32
N ILE A 46 1.80 3.49 12.71
CA ILE A 46 1.67 3.92 11.32
C ILE A 46 2.97 3.71 10.56
N MET A 47 2.84 3.29 9.30
CA MET A 47 3.94 2.94 8.43
C MET A 47 3.81 3.44 7.00
N TRP A 48 4.96 3.65 6.39
CA TRP A 48 5.09 4.31 5.08
C TRP A 48 5.54 3.30 4.01
N LEU A 49 4.62 2.79 3.22
CA LEU A 49 4.88 1.72 2.24
C LEU A 49 4.89 2.32 0.84
N LYS A 50 5.32 1.58 -0.18
CA LYS A 50 5.33 2.08 -1.57
C LYS A 50 5.18 0.93 -2.58
N PRO A 51 3.98 0.71 -3.15
CA PRO A 51 3.76 -0.22 -4.26
C PRO A 51 4.12 0.47 -5.59
N THR A 52 4.09 -0.32 -6.66
CA THR A 52 4.55 -0.01 -8.01
C THR A 52 3.48 -0.52 -8.99
N VAL A 53 3.23 0.17 -10.10
CA VAL A 53 2.13 -0.17 -11.04
C VAL A 53 2.31 -1.58 -11.63
N ASN A 54 3.57 -1.96 -11.84
CA ASN A 54 4.00 -3.26 -12.34
C ASN A 54 3.66 -4.43 -11.38
N GLU A 55 3.43 -4.13 -10.09
CA GLU A 55 3.56 -5.07 -8.98
C GLU A 55 2.81 -4.57 -7.72
N VAL A 56 3.38 -4.67 -6.53
CA VAL A 56 2.70 -4.67 -5.22
C VAL A 56 3.68 -4.22 -4.11
N ALA A 57 3.19 -3.97 -2.89
CA ALA A 57 4.03 -3.81 -1.68
C ALA A 57 3.37 -4.50 -0.48
N ARG A 58 4.15 -5.12 0.41
CA ARG A 58 3.67 -5.58 1.72
C ARG A 58 4.03 -4.49 2.68
N CYS A 59 3.13 -4.21 3.60
CA CYS A 59 3.52 -3.65 4.87
C CYS A 59 4.63 -4.51 5.50
N TRP A 60 5.70 -3.88 5.97
CA TRP A 60 6.68 -4.56 6.80
C TRP A 60 6.06 -4.99 8.14
N GLU A 61 4.95 -4.34 8.53
CA GLU A 61 4.28 -4.46 9.80
C GLU A 61 3.26 -5.62 9.75
N CYS A 62 1.95 -5.35 9.73
CA CYS A 62 0.84 -6.27 9.86
C CYS A 62 0.94 -7.44 8.85
N GLY A 63 0.96 -7.04 7.58
CA GLY A 63 0.78 -7.92 6.44
C GLY A 63 -0.41 -7.64 5.56
N SER A 64 -0.97 -6.42 5.58
CA SER A 64 -1.74 -5.98 4.44
C SER A 64 -0.74 -5.70 3.31
N VAL A 65 -0.62 -6.61 2.35
CA VAL A 65 -0.14 -6.21 1.02
C VAL A 65 -1.14 -5.23 0.43
N TYR A 66 -0.59 -4.27 -0.31
CA TYR A 66 -1.22 -3.17 -1.03
C TYR A 66 -0.84 -3.18 -2.52
N LYS A 67 -1.67 -2.57 -3.36
CA LYS A 67 -1.35 -2.30 -4.75
C LYS A 67 -1.35 -0.82 -5.11
N LEU A 68 -0.58 -0.56 -6.15
CA LEU A 68 -0.72 0.61 -6.99
C LEU A 68 -1.57 0.28 -8.22
N ASN A 69 -2.34 1.25 -8.69
CA ASN A 69 -3.16 1.11 -9.91
C ASN A 69 -2.55 1.80 -11.15
N PRO A 70 -2.91 1.34 -12.38
CA PRO A 70 -2.46 1.90 -13.66
C PRO A 70 -3.03 3.27 -14.04
N VAL A 71 -3.98 3.74 -13.23
CA VAL A 71 -4.73 5.00 -13.33
C VAL A 71 -3.88 6.17 -13.88
N GLY A 72 -4.47 7.02 -14.73
CA GLY A 72 -3.79 8.06 -15.48
C GLY A 72 -4.68 9.28 -15.63
N MET A 19 -0.16 -10.50 -3.21
CA MET A 19 0.69 -9.80 -4.17
C MET A 19 -0.28 -9.22 -5.20
N LYS A 20 -0.73 -10.05 -6.16
CA LYS A 20 -1.84 -9.85 -7.11
C LYS A 20 -2.52 -8.47 -7.10
N ASP A 21 -3.35 -8.28 -6.09
CA ASP A 21 -4.34 -7.24 -5.88
C ASP A 21 -5.08 -7.51 -4.54
N PRO A 22 -4.49 -7.04 -3.43
CA PRO A 22 -4.98 -7.19 -2.05
C PRO A 22 -5.75 -5.97 -1.56
N ILE A 23 -5.22 -4.79 -1.87
CA ILE A 23 -5.58 -3.47 -1.37
C ILE A 23 -5.17 -2.48 -2.44
N ILE A 24 -6.01 -1.46 -2.65
CA ILE A 24 -5.90 -0.48 -3.73
C ILE A 24 -5.66 0.91 -3.17
N ILE A 25 -4.64 1.59 -3.70
CA ILE A 25 -4.11 2.88 -3.25
C ILE A 25 -4.05 3.84 -4.44
N GLU A 26 -4.90 4.88 -4.39
CA GLU A 26 -5.03 5.87 -5.46
C GLU A 26 -3.80 6.78 -5.52
N SER A 27 -3.26 6.95 -6.72
CA SER A 27 -1.84 7.27 -6.91
C SER A 27 -1.54 8.43 -7.86
N TYR A 28 -2.01 8.35 -9.11
CA TYR A 28 -1.95 9.39 -10.15
C TYR A 28 -0.55 9.62 -10.77
N ASP A 29 0.50 9.18 -10.08
CA ASP A 29 1.86 8.93 -10.59
C ASP A 29 2.23 7.46 -10.25
N ASP A 30 2.99 6.80 -11.12
CA ASP A 30 3.13 5.33 -11.19
C ASP A 30 3.89 4.65 -10.02
N TYR A 31 4.30 5.38 -8.98
CA TYR A 31 5.10 4.89 -7.83
C TYR A 31 4.79 5.58 -6.48
N ARG A 32 3.58 6.15 -6.32
CA ARG A 32 3.11 6.73 -5.05
C ARG A 32 3.26 5.75 -3.88
N TYR A 33 3.76 6.24 -2.73
CA TYR A 33 3.82 5.45 -1.50
C TYR A 33 2.41 5.14 -0.93
N VAL A 34 2.34 4.16 -0.02
CA VAL A 34 1.14 3.82 0.77
C VAL A 34 1.40 4.01 2.26
N GLY A 35 0.40 4.50 3.01
CA GLY A 35 0.40 4.49 4.48
C GLY A 35 -0.74 3.67 5.07
N CYS A 36 -0.40 2.75 5.99
CA CYS A 36 -1.32 1.98 6.82
C CYS A 36 -0.94 1.93 8.33
N THR A 37 -1.97 1.72 9.17
CA THR A 37 -1.86 1.50 10.63
C THR A 37 -2.21 0.10 11.12
N GLY A 38 -2.30 -0.86 10.22
CA GLY A 38 -2.79 -2.23 10.50
C GLY A 38 -3.97 -2.63 9.65
N SER A 39 -4.77 -1.62 9.34
CA SER A 39 -6.21 -1.53 9.68
C SER A 39 -6.46 -0.09 10.17
N PRO A 40 -7.65 0.51 9.96
CA PRO A 40 -7.97 1.90 10.33
C PRO A 40 -8.18 2.10 11.84
N ALA A 41 -7.26 1.59 12.65
CA ALA A 41 -7.47 1.39 14.08
C ALA A 41 -6.15 1.34 14.90
N GLY A 42 -5.09 2.00 14.41
CA GLY A 42 -3.87 2.27 15.20
C GLY A 42 -3.11 1.04 15.69
N SER A 43 -3.28 -0.12 15.04
CA SER A 43 -3.00 -1.44 15.62
C SER A 43 -1.54 -1.60 16.04
N HIS A 44 -0.61 -1.29 15.13
CA HIS A 44 0.81 -1.42 15.38
C HIS A 44 1.43 -0.04 15.66
N THR A 45 1.39 0.81 14.63
CA THR A 45 1.81 2.20 14.47
C THR A 45 1.45 2.61 13.06
N ILE A 46 2.07 3.64 12.50
CA ILE A 46 2.04 4.01 11.09
C ILE A 46 3.36 3.64 10.41
N MET A 47 3.29 3.24 9.15
CA MET A 47 4.44 2.98 8.27
C MET A 47 4.21 3.65 6.90
N TRP A 48 5.21 3.58 6.01
CA TRP A 48 5.07 4.00 4.61
C TRP A 48 5.74 2.97 3.68
N LEU A 49 5.05 2.43 2.66
CA LEU A 49 5.65 1.47 1.70
C LEU A 49 5.68 2.04 0.28
N LYS A 50 6.59 1.56 -0.57
CA LYS A 50 6.62 1.91 -2.01
C LYS A 50 6.04 0.76 -2.87
N PRO A 51 4.79 0.84 -3.33
CA PRO A 51 4.34 0.09 -4.49
C PRO A 51 4.73 0.86 -5.76
N THR A 52 4.40 0.27 -6.91
CA THR A 52 4.50 0.85 -8.26
C THR A 52 3.31 0.29 -9.01
N VAL A 53 2.86 0.92 -10.08
CA VAL A 53 1.76 0.40 -10.91
C VAL A 53 2.09 -1.01 -11.46
N ASN A 54 3.38 -1.23 -11.72
CA ASN A 54 4.01 -2.50 -12.14
C ASN A 54 4.21 -3.52 -11.01
N GLU A 55 3.90 -3.17 -9.77
CA GLU A 55 4.42 -3.83 -8.58
C GLU A 55 3.42 -3.89 -7.44
N VAL A 56 3.91 -4.32 -6.27
CA VAL A 56 3.20 -4.57 -5.03
C VAL A 56 4.14 -4.23 -3.85
N ALA A 57 3.60 -3.94 -2.67
CA ALA A 57 4.39 -3.59 -1.49
C ALA A 57 3.83 -4.22 -0.21
N ARG A 58 4.65 -4.93 0.57
CA ARG A 58 4.22 -5.56 1.82
C ARG A 58 4.61 -4.73 3.03
N CYS A 59 3.66 -4.57 3.95
CA CYS A 59 3.92 -4.09 5.29
C CYS A 59 4.95 -4.99 6.02
N TRP A 60 5.83 -4.37 6.78
CA TRP A 60 6.71 -5.07 7.72
C TRP A 60 6.09 -5.18 9.12
N GLU A 61 4.98 -4.46 9.38
CA GLU A 61 4.42 -4.30 10.73
C GLU A 61 3.22 -5.24 10.95
N CYS A 62 2.11 -5.05 10.23
CA CYS A 62 1.01 -6.02 10.23
C CYS A 62 1.32 -7.20 9.29
N GLY A 63 1.88 -6.94 8.11
CA GLY A 63 2.23 -7.95 7.09
C GLY A 63 1.31 -7.98 5.86
N SER A 64 0.44 -6.98 5.65
CA SER A 64 -0.45 -6.96 4.49
C SER A 64 0.28 -6.45 3.23
N VAL A 65 0.08 -7.08 2.07
CA VAL A 65 0.48 -6.47 0.79
C VAL A 65 -0.56 -5.44 0.35
N TYR A 66 -0.10 -4.43 -0.36
CA TYR A 66 -0.80 -3.29 -0.94
C TYR A 66 -0.35 -3.09 -2.39
N LYS A 67 -1.28 -2.69 -3.26
CA LYS A 67 -0.98 -2.43 -4.65
C LYS A 67 -1.23 -0.97 -5.04
N LEU A 68 -0.49 -0.53 -6.06
CA LEU A 68 -0.78 0.70 -6.77
C LEU A 68 -1.55 0.42 -8.07
N ASN A 69 -2.45 1.34 -8.36
CA ASN A 69 -3.41 1.24 -9.46
C ASN A 69 -3.02 2.19 -10.61
N PRO A 70 -3.44 1.92 -11.86
CA PRO A 70 -3.08 2.71 -13.06
C PRO A 70 -3.71 4.10 -13.12
N VAL A 71 -4.65 4.37 -12.21
CA VAL A 71 -5.44 5.59 -12.08
C VAL A 71 -4.66 6.89 -12.32
N GLY A 72 -5.31 7.85 -12.97
CA GLY A 72 -4.94 9.25 -13.06
C GLY A 72 -6.15 10.08 -12.69
#